data_7MBZ
#
_entry.id   7MBZ
#
loop_
_entity.id
_entity.type
_entity.pdbx_description
1 polymer 'ABC transporter, permease protein'
2 polymer Lipoprotein
3 polymer 'ABC transporter, ATP-binding protein'
#
loop_
_entity_poly.entity_id
_entity_poly.type
_entity_poly.pdbx_seq_one_letter_code
_entity_poly.pdbx_strand_id
1 'polypeptide(L)'
;MADLTFQQAVSTIVGMKDEIFRALGETFVMVGLSTTFAVIFGTLLGVLLFVTSSRQLHYNKLVNFLLDNLVNLMRAFPFV
ILMIAMIPATRAIVGSTIGPVAASLVLSVSGLFYFARLVEQNLREVPKGVIEAAAAMGAPPIAIVCKVLLNEARAGMVSS
ITVLAIGLLSYSAAAGMIGGGGLGDLAIRYGYYRYQTEVIIFIVALLVLLVILIQSTGNALARKLDKR
;
A,B
2 'polypeptide(L)'
;MKTFFKTLSAAALALILAACGGQKDSAPAASASAAADNGAAKKEIVFGTTVGDFGDMVKEQIQAELEKKGYTVKLVEFTD
YVRPNLALAEGELDINVFQHKPYLDDFKKEHNLDITEVFQVPTAPLGLYPGKLKSLEEVKDGSTVSAPNDPSNFARVLVM
LDELGWIKLKDGINPLTASKADIAENLKNIKIVELEAAQLPRSRADVDFAVVNGNYAISSGMKLTEALFQEPSFAYVNWS
AVKTADKDSQWLKDVTEAYNSDAFKAYAHKRFEGYKSPAAWNEGAAKKLEHHHHHHHHHH
;
E
3 'polypeptide(L)'
;MGHHHHHHHHHHSSGHIDDDDKHMIILDKVSKHYQTRDKTRFAAVEPTSLEIRDGEIFGLMGYSGAGKSTLLRLINLLER
PDSGKVNVCGQELTALDAAALRQARQNIGMVFQQFNLLSNRTVADNVAFPLEIAGWPSEKIKARVKECLEIVGLTERAGH
YPAQLSGGQKQRVGIARALAPKPQVILADEPTSALDPATTRSVLECLEDINKRFNVTIVIVTHEMSVIRRLCDRAALLDK
GKVVEIVEVRGNQIHAQSDIGRELIRED
;
C,D
#
# COMPACT_ATOMS: atom_id res chain seq x y z
N THR A 5 -1.98 23.33 -41.57
CA THR A 5 -2.11 22.24 -40.56
C THR A 5 -1.39 20.96 -41.00
N PHE A 6 -1.36 20.62 -42.30
CA PHE A 6 -0.61 19.46 -42.83
C PHE A 6 0.90 19.44 -42.54
N GLN A 7 1.52 20.60 -42.30
CA GLN A 7 2.89 20.72 -41.75
C GLN A 7 3.17 19.71 -40.61
N GLN A 8 2.21 19.54 -39.71
CA GLN A 8 2.28 18.64 -38.57
C GLN A 8 2.37 17.17 -38.99
N ALA A 9 1.58 16.78 -39.99
CA ALA A 9 1.53 15.39 -40.42
C ALA A 9 2.86 14.99 -41.08
N VAL A 10 3.40 15.87 -41.92
CA VAL A 10 4.62 15.63 -42.69
C VAL A 10 5.85 15.65 -41.80
N SER A 11 6.00 16.67 -40.96
CA SER A 11 7.19 16.90 -40.15
C SER A 11 7.58 15.69 -39.30
N THR A 12 6.57 15.00 -38.77
CA THR A 12 6.79 13.85 -37.92
C THR A 12 7.09 12.61 -38.74
N ILE A 13 6.22 12.25 -39.68
CA ILE A 13 6.22 10.89 -40.23
C ILE A 13 7.50 10.55 -40.98
N VAL A 14 8.07 11.54 -41.67
CA VAL A 14 9.17 11.28 -42.60
C VAL A 14 10.43 10.95 -41.81
N GLY A 15 10.83 11.81 -40.89
CA GLY A 15 12.02 11.61 -40.07
C GLY A 15 11.81 10.63 -38.94
N MET A 16 10.83 10.92 -38.08
CA MET A 16 10.83 10.41 -36.72
C MET A 16 10.67 8.90 -36.61
N LYS A 17 9.98 8.28 -37.56
CA LYS A 17 9.78 6.82 -37.66
C LYS A 17 11.07 6.04 -37.38
N ASP A 18 12.15 6.46 -38.02
CA ASP A 18 13.43 5.77 -37.97
C ASP A 18 14.05 5.74 -36.57
N GLU A 19 13.92 6.82 -35.82
CA GLU A 19 14.40 6.93 -34.45
C GLU A 19 13.42 6.27 -33.48
N ILE A 20 12.13 6.54 -33.65
CA ILE A 20 11.07 6.10 -32.72
C ILE A 20 11.17 4.61 -32.51
N PHE A 21 11.34 3.83 -33.59
CA PHE A 21 11.42 2.38 -33.47
C PHE A 21 12.55 1.92 -32.54
N ARG A 22 13.67 2.65 -32.51
CA ARG A 22 14.76 2.32 -31.56
C ARG A 22 14.44 2.88 -30.17
N ALA A 23 14.02 4.15 -30.10
CA ALA A 23 13.71 4.82 -28.82
C ALA A 23 12.71 4.01 -27.98
N LEU A 24 11.72 3.43 -28.64
CA LEU A 24 10.76 2.53 -28.02
C LEU A 24 11.43 1.24 -27.53
N GLY A 25 12.21 0.57 -28.39
CA GLY A 25 12.86 -0.69 -28.07
C GLY A 25 13.76 -0.58 -26.83
N GLU A 26 14.57 0.48 -26.80
CA GLU A 26 15.36 0.87 -25.63
C GLU A 26 14.48 1.06 -24.39
N THR A 27 13.35 1.74 -24.52
CA THR A 27 12.46 2.01 -23.39
C THR A 27 11.93 0.73 -22.77
N PHE A 28 11.38 -0.17 -23.57
CA PHE A 28 10.71 -1.37 -23.05
C PHE A 28 11.68 -2.27 -22.30
N VAL A 29 12.83 -2.55 -22.92
CA VAL A 29 13.80 -3.47 -22.33
C VAL A 29 14.30 -2.91 -21.00
N MET A 30 14.49 -1.58 -20.94
CA MET A 30 15.04 -0.90 -19.77
C MET A 30 14.07 -0.97 -18.59
N VAL A 31 12.78 -0.73 -18.84
CA VAL A 31 11.72 -0.88 -17.82
C VAL A 31 11.53 -2.34 -17.43
N GLY A 32 11.39 -3.24 -18.41
CA GLY A 32 11.09 -4.64 -18.14
C GLY A 32 12.14 -5.31 -17.26
N LEU A 33 13.39 -5.33 -17.73
CA LEU A 33 14.47 -6.05 -17.07
C LEU A 33 14.71 -5.48 -15.67
N SER A 34 14.76 -4.15 -15.53
CA SER A 34 14.94 -3.54 -14.22
C SER A 34 13.83 -3.94 -13.26
N THR A 35 12.58 -3.95 -13.74
CA THR A 35 11.44 -4.40 -12.95
C THR A 35 11.65 -5.82 -12.45
N THR A 36 12.06 -6.75 -13.31
CA THR A 36 12.18 -8.14 -12.88
C THR A 36 13.13 -8.26 -11.71
N PHE A 37 14.32 -7.68 -11.82
CA PHE A 37 15.30 -7.83 -10.75
C PHE A 37 14.83 -7.12 -9.48
N ALA A 38 14.16 -5.99 -9.63
CA ALA A 38 13.59 -5.27 -8.50
C ALA A 38 12.56 -6.12 -7.75
N VAL A 39 11.61 -6.74 -8.45
CA VAL A 39 10.61 -7.60 -7.79
C VAL A 39 11.25 -8.83 -7.19
N ILE A 40 12.28 -9.38 -7.82
CA ILE A 40 12.94 -10.63 -7.34
C ILE A 40 13.67 -10.35 -6.02
N PHE A 41 14.71 -9.49 -6.03
CA PHE A 41 15.53 -9.30 -4.83
C PHE A 41 14.78 -8.54 -3.76
N GLY A 42 13.92 -7.59 -4.16
CA GLY A 42 13.03 -6.87 -3.26
C GLY A 42 12.10 -7.80 -2.47
N THR A 43 11.62 -8.90 -3.06
CA THR A 43 10.80 -9.90 -2.35
C THR A 43 11.55 -10.47 -1.17
N LEU A 44 12.75 -11.01 -1.41
CA LEU A 44 13.55 -11.65 -0.38
C LEU A 44 13.87 -10.66 0.75
N LEU A 45 14.32 -9.46 0.43
CA LEU A 45 14.61 -8.47 1.46
C LEU A 45 13.35 -8.11 2.26
N GLY A 46 12.23 -7.84 1.59
CA GLY A 46 10.95 -7.56 2.24
C GLY A 46 10.55 -8.64 3.24
N VAL A 47 10.68 -9.90 2.83
CA VAL A 47 10.48 -11.04 3.72
C VAL A 47 11.38 -10.90 4.95
N LEU A 48 12.68 -10.69 4.78
CA LEU A 48 13.61 -10.56 5.91
C LEU A 48 13.16 -9.46 6.88
N LEU A 49 12.78 -8.30 6.35
CA LEU A 49 12.28 -7.20 7.18
C LEU A 49 11.12 -7.68 8.06
N PHE A 50 10.16 -8.33 7.44
CA PHE A 50 9.00 -8.83 8.16
C PHE A 50 9.35 -9.94 9.15
N VAL A 51 10.05 -10.98 8.71
CA VAL A 51 10.22 -12.18 9.55
C VAL A 51 11.14 -11.92 10.74
N THR A 52 12.07 -10.97 10.61
CA THR A 52 12.94 -10.55 11.74
C THR A 52 12.10 -9.78 12.76
N SER A 53 11.14 -8.97 12.30
CA SER A 53 10.28 -8.14 13.20
C SER A 53 8.98 -8.88 13.56
N SER A 54 8.70 -10.03 12.95
CA SER A 54 7.44 -10.80 13.17
C SER A 54 7.34 -11.25 14.63
N ARG A 55 8.43 -11.76 15.19
CA ARG A 55 8.48 -12.26 16.59
C ARG A 55 7.57 -13.51 16.71
N GLN A 56 7.29 -14.20 15.60
CA GLN A 56 6.50 -15.46 15.60
C GLN A 56 7.36 -16.57 14.98
N LEU A 57 7.65 -16.47 13.69
CA LEU A 57 8.56 -17.48 13.08
C LEU A 57 9.90 -17.35 13.80
N HIS A 58 10.46 -16.14 13.90
CA HIS A 58 11.82 -15.91 14.45
C HIS A 58 11.90 -14.46 14.94
N TYR A 59 12.98 -14.07 15.63
CA TYR A 59 13.16 -12.69 16.05
C TYR A 59 14.63 -12.32 16.16
N ASN A 60 14.97 -11.08 15.78
CA ASN A 60 16.24 -10.47 16.14
C ASN A 60 16.13 -8.94 16.09
N LYS A 61 15.96 -8.32 17.26
CA LYS A 61 15.83 -6.86 17.46
C LYS A 61 16.88 -6.08 16.68
N LEU A 62 18.12 -6.50 16.80
CA LEU A 62 19.28 -5.84 16.21
C LEU A 62 19.27 -5.92 14.68
N VAL A 63 19.19 -7.12 14.10
CA VAL A 63 19.17 -7.30 12.64
C VAL A 63 18.02 -6.53 12.03
N ASN A 64 16.85 -6.58 12.65
CA ASN A 64 15.70 -5.77 12.24
C ASN A 64 16.04 -4.28 12.19
N PHE A 65 16.57 -3.73 13.27
CA PHE A 65 16.99 -2.33 13.34
C PHE A 65 18.01 -1.96 12.26
N LEU A 66 19.06 -2.75 12.08
CA LEU A 66 20.08 -2.54 11.04
C LEU A 66 19.47 -2.51 9.64
N LEU A 67 18.71 -3.54 9.29
CA LEU A 67 18.15 -3.67 7.95
C LEU A 67 17.19 -2.53 7.63
N ASP A 68 16.35 -2.12 8.58
CA ASP A 68 15.42 -1.00 8.39
C ASP A 68 16.17 0.29 8.08
N ASN A 69 17.16 0.66 8.89
CA ASN A 69 17.92 1.89 8.70
C ASN A 69 18.72 1.88 7.39
N LEU A 70 19.24 0.73 6.98
CA LEU A 70 19.82 0.56 5.65
C LEU A 70 18.77 0.87 4.59
N VAL A 71 17.64 0.18 4.64
CA VAL A 71 16.59 0.31 3.63
C VAL A 71 16.12 1.76 3.54
N ASN A 72 15.95 2.42 4.69
CA ASN A 72 15.57 3.83 4.77
C ASN A 72 16.54 4.69 3.95
N LEU A 73 17.84 4.64 4.29
CA LEU A 73 18.92 5.34 3.60
C LEU A 73 18.82 5.16 2.09
N MET A 74 18.76 3.92 1.63
CA MET A 74 18.82 3.64 0.21
C MET A 74 17.56 4.06 -0.54
N ARG A 75 16.39 3.95 0.11
CA ARG A 75 15.10 4.37 -0.49
C ARG A 75 15.13 5.88 -0.73
N ALA A 76 15.64 6.68 0.23
CA ALA A 76 15.57 8.13 0.14
C ALA A 76 16.76 8.79 -0.56
N PHE A 77 17.94 8.16 -0.63
CA PHE A 77 19.10 8.80 -1.25
C PHE A 77 18.91 9.03 -2.76
N PRO A 78 19.23 10.20 -3.34
CA PRO A 78 18.80 10.53 -4.70
C PRO A 78 19.39 9.66 -5.82
N PHE A 79 18.51 9.16 -6.67
CA PHE A 79 18.77 8.18 -7.71
C PHE A 79 19.80 8.66 -8.74
N VAL A 80 19.55 9.83 -9.33
CA VAL A 80 20.49 10.39 -10.37
C VAL A 80 21.89 10.49 -9.76
N ILE A 81 21.99 11.04 -8.54
CA ILE A 81 23.32 11.21 -7.87
C ILE A 81 23.92 9.81 -7.62
N LEU A 82 23.10 8.85 -7.21
CA LEU A 82 23.58 7.46 -6.94
C LEU A 82 24.15 6.87 -8.24
N MET A 83 23.51 7.14 -9.37
CA MET A 83 23.97 6.59 -10.67
C MET A 83 25.37 7.12 -10.98
N ILE A 84 25.61 8.41 -10.74
CA ILE A 84 26.96 9.03 -10.99
C ILE A 84 27.98 8.35 -10.07
N ALA A 85 27.62 8.12 -8.80
CA ALA A 85 28.53 7.43 -7.85
C ALA A 85 28.77 5.99 -8.31
N MET A 86 27.80 5.38 -8.99
CA MET A 86 27.90 3.94 -9.35
C MET A 86 28.58 3.72 -10.72
N ILE A 87 29.11 4.76 -11.36
CA ILE A 87 29.66 4.57 -12.75
C ILE A 87 30.85 3.58 -12.76
N PRO A 88 31.86 3.63 -11.84
CA PRO A 88 33.03 2.74 -11.95
C PRO A 88 32.66 1.28 -11.72
N ALA A 89 31.93 1.00 -10.63
CA ALA A 89 31.38 -0.32 -10.34
C ALA A 89 30.54 -0.83 -11.52
N THR A 90 29.71 0.05 -12.09
CA THR A 90 28.83 -0.28 -13.22
C THR A 90 29.65 -0.69 -14.43
N ARG A 91 30.63 0.13 -14.84
CA ARG A 91 31.51 -0.19 -15.96
C ARG A 91 32.24 -1.50 -15.72
N ALA A 92 32.73 -1.72 -14.50
CA ALA A 92 33.47 -2.95 -14.16
C ALA A 92 32.61 -4.24 -14.24
N ILE A 93 31.30 -4.13 -14.06
CA ILE A 93 30.36 -5.25 -14.16
C ILE A 93 29.85 -5.41 -15.61
N VAL A 94 29.33 -4.33 -16.19
CA VAL A 94 28.65 -4.34 -17.50
C VAL A 94 29.66 -4.46 -18.65
N GLY A 95 30.90 -4.01 -18.45
CA GLY A 95 31.94 -3.90 -19.47
C GLY A 95 31.93 -2.57 -20.24
N SER A 96 30.97 -1.68 -19.96
CA SER A 96 30.85 -0.33 -20.52
C SER A 96 29.96 0.53 -19.63
N THR A 97 30.05 1.85 -19.76
CA THR A 97 29.21 2.82 -19.04
C THR A 97 27.88 3.13 -19.75
N ILE A 98 27.74 2.84 -21.06
CA ILE A 98 26.60 3.33 -21.86
C ILE A 98 25.74 2.21 -22.45
N GLY A 99 24.42 2.36 -22.32
CA GLY A 99 23.37 1.54 -22.95
C GLY A 99 22.21 1.18 -22.02
N PRO A 100 21.09 0.66 -22.55
CA PRO A 100 19.93 0.30 -21.73
C PRO A 100 20.25 -0.68 -20.61
N VAL A 101 21.18 -1.60 -20.81
CA VAL A 101 21.62 -2.58 -19.82
C VAL A 101 22.26 -1.90 -18.61
N ALA A 102 23.15 -0.94 -18.84
CA ALA A 102 23.81 -0.20 -17.76
C ALA A 102 22.79 0.62 -16.95
N ALA A 103 21.84 1.28 -17.62
CA ALA A 103 20.75 1.99 -16.96
C ALA A 103 19.88 1.03 -16.13
N SER A 104 19.50 -0.09 -16.75
CA SER A 104 18.74 -1.16 -16.13
C SER A 104 19.38 -1.62 -14.81
N LEU A 105 20.71 -1.71 -14.75
CA LEU A 105 21.41 -2.00 -13.50
C LEU A 105 21.07 -0.96 -12.43
N VAL A 106 21.34 0.31 -12.66
CA VAL A 106 21.15 1.30 -11.58
C VAL A 106 19.67 1.46 -11.21
N LEU A 107 18.80 1.47 -12.23
CA LEU A 107 17.35 1.41 -12.05
C LEU A 107 16.99 0.27 -11.11
N SER A 108 17.50 -0.94 -11.37
CA SER A 108 17.17 -2.11 -10.57
C SER A 108 17.58 -1.95 -9.11
N VAL A 109 18.69 -1.29 -8.82
CA VAL A 109 19.14 -1.08 -7.43
C VAL A 109 18.15 -0.19 -6.68
N SER A 110 17.73 0.90 -7.31
CA SER A 110 16.70 1.77 -6.73
C SER A 110 15.40 1.00 -6.52
N GLY A 111 14.95 0.27 -7.54
CA GLY A 111 13.74 -0.53 -7.51
C GLY A 111 13.79 -1.64 -6.46
N LEU A 112 14.96 -2.23 -6.21
CA LEU A 112 15.16 -3.25 -5.20
C LEU A 112 14.76 -2.71 -3.82
N PHE A 113 15.37 -1.60 -3.44
CA PHE A 113 15.08 -0.97 -2.15
C PHE A 113 13.68 -0.34 -2.11
N TYR A 114 13.21 0.18 -3.23
CA TYR A 114 11.84 0.70 -3.38
C TYR A 114 10.81 -0.37 -3.06
N PHE A 115 10.92 -1.53 -3.69
CA PHE A 115 9.99 -2.65 -3.59
C PHE A 115 9.74 -3.08 -2.13
N ALA A 116 10.81 -3.29 -1.37
CA ALA A 116 10.69 -3.99 -0.09
C ALA A 116 9.84 -3.22 0.92
N ARG A 117 10.04 -1.90 0.97
CA ARG A 117 9.26 -1.02 1.88
C ARG A 117 7.76 -1.17 1.59
N LEU A 118 7.39 -1.31 0.32
CA LEU A 118 5.97 -1.50 -0.03
C LEU A 118 5.44 -2.77 0.62
N VAL A 119 6.16 -3.87 0.41
CA VAL A 119 5.72 -5.19 0.87
C VAL A 119 5.57 -5.26 2.38
N GLU A 120 6.27 -4.42 3.12
CA GLU A 120 6.05 -4.27 4.55
C GLU A 120 4.56 -4.04 4.88
N GLN A 121 3.91 -3.19 4.09
CA GLN A 121 2.48 -2.95 4.17
C GLN A 121 1.75 -4.27 3.97
N ASN A 122 2.07 -4.91 2.84
CA ASN A 122 1.44 -6.12 2.37
C ASN A 122 1.43 -7.24 3.40
N LEU A 123 2.34 -7.22 4.38
CA LEU A 123 2.39 -8.21 5.44
C LEU A 123 1.76 -7.72 6.75
N ARG A 124 2.07 -6.50 7.18
CA ARG A 124 1.53 -6.01 8.49
C ARG A 124 0.00 -5.98 8.46
N GLU A 125 -0.61 -5.78 7.29
CA GLU A 125 -2.06 -5.69 7.12
C GLU A 125 -2.83 -7.02 7.28
N VAL A 126 -2.16 -8.18 7.29
CA VAL A 126 -2.81 -9.49 7.10
C VAL A 126 -3.43 -10.06 8.40
N PRO A 127 -4.54 -10.85 8.38
CA PRO A 127 -5.15 -11.41 9.59
C PRO A 127 -4.27 -12.40 10.38
N LYS A 128 -4.27 -12.24 11.71
CA LYS A 128 -3.36 -12.91 12.65
C LYS A 128 -3.56 -14.42 12.75
N GLY A 129 -4.78 -14.86 12.97
CA GLY A 129 -5.04 -16.17 13.60
C GLY A 129 -4.60 -17.37 12.76
N VAL A 130 -4.61 -17.23 11.44
CA VAL A 130 -4.16 -18.28 10.51
C VAL A 130 -2.67 -18.59 10.71
N ILE A 131 -1.89 -17.60 11.15
CA ILE A 131 -0.49 -17.77 11.51
C ILE A 131 -0.36 -18.69 12.71
N GLU A 132 -1.19 -18.44 13.73
CA GLU A 132 -1.25 -19.29 14.90
C GLU A 132 -1.66 -20.71 14.51
N ALA A 133 -2.58 -20.87 13.56
CA ALA A 133 -2.99 -22.19 13.08
C ALA A 133 -1.84 -22.93 12.36
N ALA A 134 -1.08 -22.24 11.52
CA ALA A 134 0.09 -22.82 10.86
C ALA A 134 1.12 -23.30 11.89
N ALA A 135 1.41 -22.45 12.88
CA ALA A 135 2.28 -22.82 13.99
C ALA A 135 1.69 -23.98 14.80
N ALA A 136 0.38 -24.01 14.99
CA ALA A 136 -0.32 -25.07 15.69
C ALA A 136 -0.17 -26.42 14.97
N MET A 137 -0.09 -26.42 13.63
CA MET A 137 0.16 -27.64 12.84
C MET A 137 1.63 -27.87 12.43
N GLY A 138 2.58 -27.13 13.01
CA GLY A 138 3.99 -27.51 13.02
C GLY A 138 4.71 -27.52 11.65
N ALA A 139 4.37 -26.62 10.74
CA ALA A 139 5.12 -26.45 9.49
C ALA A 139 6.50 -25.78 9.68
N PRO A 140 7.51 -26.08 8.86
CA PRO A 140 8.73 -25.27 8.81
C PRO A 140 8.45 -23.82 8.36
N PRO A 141 9.15 -22.80 8.88
CA PRO A 141 8.91 -21.39 8.55
C PRO A 141 8.91 -21.09 7.05
N ILE A 142 9.81 -21.73 6.32
CA ILE A 142 9.95 -21.59 4.86
C ILE A 142 8.67 -22.02 4.12
N ALA A 143 8.01 -23.08 4.56
CA ALA A 143 6.76 -23.53 3.97
C ALA A 143 5.64 -22.51 4.19
N ILE A 144 5.56 -21.94 5.40
CA ILE A 144 4.55 -20.93 5.76
C ILE A 144 4.59 -19.79 4.76
N VAL A 145 5.76 -19.17 4.62
CA VAL A 145 5.87 -18.07 3.68
C VAL A 145 5.57 -18.54 2.27
N CYS A 146 6.30 -19.55 1.79
CA CYS A 146 6.30 -19.94 0.38
C CYS A 146 4.91 -20.34 -0.12
N LYS A 147 4.18 -21.14 0.67
CA LYS A 147 2.92 -21.78 0.25
C LYS A 147 1.71 -21.28 1.03
N VAL A 148 1.83 -20.17 1.75
CA VAL A 148 0.66 -19.47 2.30
C VAL A 148 0.67 -18.00 1.94
N LEU A 149 1.63 -17.24 2.47
CA LEU A 149 1.41 -15.83 2.69
C LEU A 149 1.18 -15.06 1.38
N LEU A 150 1.89 -15.43 0.32
CA LEU A 150 1.75 -14.87 -1.02
C LEU A 150 0.31 -14.94 -1.53
N ASN A 151 -0.22 -16.17 -1.57
CA ASN A 151 -1.59 -16.40 -2.09
C ASN A 151 -2.55 -15.52 -1.29
N GLU A 152 -2.42 -15.47 0.03
CA GLU A 152 -3.37 -14.70 0.90
C GLU A 152 -3.31 -13.23 0.49
N ALA A 153 -2.13 -12.70 0.16
CA ALA A 153 -1.93 -11.29 -0.24
C ALA A 153 -1.73 -11.22 -1.76
N ARG A 154 -2.23 -12.20 -2.52
CA ARG A 154 -1.96 -12.29 -3.98
C ARG A 154 -2.48 -11.02 -4.67
N ALA A 155 -3.68 -10.56 -4.35
CA ALA A 155 -4.27 -9.34 -4.95
C ALA A 155 -3.37 -8.16 -4.59
N GLY A 156 -2.82 -8.13 -3.38
CA GLY A 156 -1.91 -7.07 -2.92
C GLY A 156 -0.65 -6.99 -3.75
N MET A 157 -0.07 -8.13 -4.17
CA MET A 157 1.22 -8.17 -4.91
C MET A 157 1.05 -7.61 -6.33
N VAL A 158 -0.09 -7.83 -6.99
CA VAL A 158 -0.40 -7.35 -8.35
C VAL A 158 -0.43 -5.83 -8.37
N SER A 159 -1.13 -5.24 -7.39
CA SER A 159 -1.17 -3.80 -7.26
C SER A 159 0.24 -3.22 -7.13
N SER A 160 1.03 -3.75 -6.20
CA SER A 160 2.38 -3.27 -5.94
C SER A 160 3.27 -3.30 -7.19
N ILE A 161 3.26 -4.39 -7.95
CA ILE A 161 4.07 -4.46 -9.17
C ILE A 161 3.57 -3.47 -10.22
N THR A 162 2.26 -3.25 -10.29
CA THR A 162 1.68 -2.30 -11.26
C THR A 162 2.23 -0.91 -11.00
N VAL A 163 2.21 -0.49 -9.74
CA VAL A 163 2.64 0.86 -9.37
C VAL A 163 4.14 1.04 -9.50
N LEU A 164 4.91 0.00 -9.19
CA LEU A 164 6.35 0.00 -9.38
C LEU A 164 6.71 0.20 -10.85
N ALA A 165 6.01 -0.45 -11.76
CA ALA A 165 6.28 -0.32 -13.19
C ALA A 165 6.11 1.13 -13.65
N ILE A 166 5.01 1.75 -13.23
CA ILE A 166 4.71 3.14 -13.56
C ILE A 166 5.79 4.08 -13.03
N GLY A 167 6.29 3.81 -11.82
CA GLY A 167 7.40 4.58 -11.24
C GLY A 167 8.68 4.45 -12.07
N LEU A 168 9.08 3.22 -12.38
CA LEU A 168 10.28 2.93 -13.18
C LEU A 168 10.19 3.54 -14.59
N LEU A 169 9.01 3.69 -15.16
CA LEU A 169 8.86 4.42 -16.42
C LEU A 169 9.34 5.85 -16.29
N SER A 170 8.83 6.58 -15.29
CA SER A 170 9.33 7.97 -15.05
C SER A 170 10.84 7.93 -14.78
N TYR A 171 11.29 6.96 -13.98
CA TYR A 171 12.73 6.85 -13.62
C TYR A 171 13.57 6.56 -14.88
N SER A 172 13.07 5.71 -15.78
CA SER A 172 13.82 5.35 -17.01
C SER A 172 14.05 6.59 -17.88
N ALA A 173 13.05 7.46 -17.98
CA ALA A 173 13.21 8.71 -18.77
C ALA A 173 14.32 9.56 -18.15
N ALA A 174 14.35 9.67 -16.82
CA ALA A 174 15.44 10.41 -16.15
C ALA A 174 16.78 9.72 -16.39
N ALA A 175 16.81 8.38 -16.32
CA ALA A 175 18.06 7.60 -16.51
C ALA A 175 18.59 7.77 -17.93
N GLY A 176 17.70 7.85 -18.92
CA GLY A 176 18.12 7.88 -20.34
C GLY A 176 18.81 9.14 -20.79
N MET A 177 18.50 10.30 -20.25
CA MET A 177 19.16 11.51 -20.82
C MET A 177 20.68 11.43 -20.60
N ILE A 178 21.11 11.08 -19.38
CA ILE A 178 22.57 10.94 -19.08
C ILE A 178 23.18 9.69 -19.73
N GLY A 179 22.50 8.53 -19.67
CA GLY A 179 23.10 7.29 -20.17
C GLY A 179 22.76 6.95 -21.62
N GLY A 180 21.83 7.68 -22.22
CA GLY A 180 21.40 7.39 -23.60
C GLY A 180 20.21 6.46 -23.63
N GLY A 181 19.37 6.55 -24.68
CA GLY A 181 18.22 5.64 -24.84
C GLY A 181 16.93 6.15 -24.22
N GLY A 182 15.77 5.70 -24.72
CA GLY A 182 14.49 6.07 -24.09
C GLY A 182 13.80 7.29 -24.69
N LEU A 183 12.48 7.40 -24.52
CA LEU A 183 11.72 8.58 -24.96
C LEU A 183 12.15 9.90 -24.29
N GLY A 184 12.75 9.88 -23.11
CA GLY A 184 13.31 11.07 -22.47
C GLY A 184 14.45 11.68 -23.28
N ASP A 185 15.32 10.81 -23.79
CA ASP A 185 16.43 11.13 -24.69
C ASP A 185 15.95 11.69 -26.05
N LEU A 186 14.71 11.37 -26.45
CA LEU A 186 14.04 12.09 -27.53
C LEU A 186 13.53 13.45 -27.05
N ALA A 187 12.72 13.49 -25.99
CA ALA A 187 12.02 14.69 -25.58
C ALA A 187 12.94 15.90 -25.34
N ILE A 188 14.11 15.66 -24.73
CA ILE A 188 15.13 16.72 -24.48
C ILE A 188 15.69 17.24 -25.82
N ARG A 189 15.75 16.40 -26.85
CA ARG A 189 16.19 16.83 -28.21
C ARG A 189 15.11 17.73 -28.85
N TYR A 190 13.82 17.44 -28.66
CA TYR A 190 12.69 18.19 -29.30
C TYR A 190 11.96 19.06 -28.26
N GLY A 191 12.49 19.23 -27.06
CA GLY A 191 11.93 20.08 -25.99
C GLY A 191 13.10 20.38 -25.09
N TYR A 192 13.04 21.42 -24.25
CA TYR A 192 14.21 21.86 -23.44
C TYR A 192 15.27 22.38 -24.40
N TYR A 193 15.53 21.62 -25.47
CA TYR A 193 16.48 22.10 -26.50
C TYR A 193 15.86 21.89 -27.90
N ARG A 194 16.15 22.75 -28.87
CA ARG A 194 15.54 22.64 -30.23
C ARG A 194 14.07 22.29 -30.04
N TYR A 195 13.35 23.01 -29.17
CA TYR A 195 11.94 22.68 -28.84
C TYR A 195 11.07 22.76 -30.09
N GLN A 196 10.22 21.75 -30.33
CA GLN A 196 9.24 21.73 -31.45
C GLN A 196 7.88 21.40 -30.83
N THR A 197 6.86 22.25 -31.03
CA THR A 197 5.52 22.06 -30.40
C THR A 197 4.81 20.80 -30.92
N GLU A 198 4.86 20.51 -32.23
CA GLU A 198 4.09 19.40 -32.86
C GLU A 198 4.68 18.03 -32.49
N VAL A 199 6.01 17.91 -32.44
CA VAL A 199 6.70 16.61 -32.14
C VAL A 199 6.39 16.24 -30.69
N ILE A 200 6.34 17.22 -29.80
CA ILE A 200 6.07 17.00 -28.34
C ILE A 200 4.66 16.41 -28.16
N ILE A 201 3.65 16.82 -28.94
CA ILE A 201 2.23 16.37 -28.75
C ILE A 201 2.11 14.89 -29.15
N PHE A 202 2.96 14.39 -30.06
CA PHE A 202 2.97 13.00 -30.49
C PHE A 202 3.50 12.04 -29.41
N ILE A 203 4.57 12.44 -28.72
CA ILE A 203 5.16 11.63 -27.64
C ILE A 203 4.17 11.54 -26.47
N VAL A 204 3.56 12.67 -26.12
CA VAL A 204 2.50 12.77 -25.11
C VAL A 204 1.38 11.78 -25.43
N ALA A 205 0.90 11.74 -26.67
CA ALA A 205 -0.14 10.80 -27.07
C ALA A 205 0.27 9.33 -26.85
N LEU A 206 1.49 8.96 -27.27
CA LEU A 206 1.96 7.58 -27.15
C LEU A 206 1.98 7.12 -25.69
N LEU A 207 2.51 7.97 -24.81
CA LEU A 207 2.52 7.71 -23.37
C LEU A 207 1.11 7.42 -22.85
N VAL A 208 0.16 8.31 -23.11
CA VAL A 208 -1.24 8.16 -22.60
C VAL A 208 -1.78 6.77 -22.89
N LEU A 209 -1.73 6.31 -24.15
CA LEU A 209 -2.32 5.03 -24.55
C LEU A 209 -1.62 3.83 -23.91
N LEU A 210 -0.30 3.89 -23.82
CA LEU A 210 0.48 2.83 -23.23
C LEU A 210 0.20 2.69 -21.73
N VAL A 211 0.04 3.81 -21.04
CA VAL A 211 -0.01 3.78 -19.58
C VAL A 211 -1.41 3.42 -19.08
N ILE A 212 -2.46 3.74 -19.84
CA ILE A 212 -3.80 3.18 -19.59
C ILE A 212 -3.73 1.66 -19.69
N LEU A 213 -3.10 1.16 -20.73
CA LEU A 213 -3.10 -0.27 -21.06
C LEU A 213 -2.50 -1.11 -19.94
N ILE A 214 -1.31 -0.73 -19.46
CA ILE A 214 -0.62 -1.47 -18.40
C ILE A 214 -1.46 -1.50 -17.12
N GLN A 215 -2.03 -0.37 -16.73
CA GLN A 215 -2.88 -0.28 -15.56
C GLN A 215 -4.16 -1.11 -15.73
N SER A 216 -4.79 -1.04 -16.88
CA SER A 216 -6.03 -1.78 -17.17
C SER A 216 -5.76 -3.28 -17.13
N THR A 217 -4.59 -3.71 -17.58
CA THR A 217 -4.13 -5.10 -17.44
C THR A 217 -4.03 -5.46 -15.97
N GLY A 218 -3.32 -4.65 -15.18
CA GLY A 218 -3.16 -4.83 -13.74
C GLY A 218 -4.50 -4.96 -13.00
N ASN A 219 -5.42 -4.03 -13.21
CA ASN A 219 -6.71 -4.06 -12.53
C ASN A 219 -7.53 -5.29 -12.94
N ALA A 220 -7.53 -5.70 -14.21
CA ALA A 220 -8.27 -6.89 -14.63
C ALA A 220 -7.79 -8.17 -13.92
N LEU A 221 -6.47 -8.39 -13.88
CA LEU A 221 -5.87 -9.56 -13.24
C LEU A 221 -6.06 -9.53 -11.72
N ALA A 222 -5.78 -8.39 -11.08
CA ALA A 222 -5.98 -8.22 -9.63
C ALA A 222 -7.43 -8.53 -9.25
N ARG A 223 -8.40 -7.99 -10.01
CA ARG A 223 -9.81 -8.33 -9.85
C ARG A 223 -10.06 -9.84 -10.00
N LYS A 224 -9.52 -10.48 -11.04
CA LYS A 224 -9.69 -11.93 -11.22
C LYS A 224 -9.16 -12.74 -10.04
N LEU A 225 -8.08 -12.27 -9.42
CA LEU A 225 -7.32 -12.99 -8.40
C LEU A 225 -7.61 -12.52 -6.97
N ASP A 226 -8.85 -12.12 -6.67
CA ASP A 226 -9.33 -11.96 -5.30
C ASP A 226 -9.25 -13.27 -4.50
N GLU B 44 19.57 47.43 -7.61
CA GLU B 44 19.62 45.95 -7.71
C GLU B 44 19.92 45.51 -9.15
N ILE B 45 20.57 44.35 -9.36
CA ILE B 45 20.75 43.73 -10.69
C ILE B 45 20.52 42.22 -10.60
N VAL B 46 19.71 41.65 -11.47
CA VAL B 46 19.47 40.21 -11.53
C VAL B 46 20.10 39.57 -12.76
N PHE B 47 20.90 38.54 -12.52
CA PHE B 47 21.67 37.77 -13.49
C PHE B 47 21.06 36.40 -13.71
N GLY B 48 21.01 35.94 -14.96
CA GLY B 48 20.87 34.53 -15.29
C GLY B 48 22.16 33.95 -15.85
N THR B 49 22.65 32.84 -15.29
CA THR B 49 23.70 32.02 -15.92
C THR B 49 23.27 30.57 -15.88
N THR B 50 23.85 29.72 -16.72
CA THR B 50 23.88 28.30 -16.36
C THR B 50 24.62 28.12 -15.03
N VAL B 51 24.52 26.96 -14.40
CA VAL B 51 25.52 26.49 -13.43
C VAL B 51 26.90 26.36 -14.12
N GLY B 52 27.98 26.22 -13.35
CA GLY B 52 29.33 26.05 -13.88
C GLY B 52 29.98 27.36 -14.30
N ASP B 53 30.85 27.32 -15.30
CA ASP B 53 31.87 28.33 -15.61
C ASP B 53 31.35 29.78 -15.65
N PHE B 54 30.20 30.04 -16.25
CA PHE B 54 29.63 31.39 -16.30
C PHE B 54 29.08 31.85 -14.95
N GLY B 55 28.43 30.95 -14.20
CA GLY B 55 27.97 31.27 -12.84
C GLY B 55 29.18 31.36 -11.93
N ASP B 56 30.25 30.63 -12.23
CA ASP B 56 31.52 30.68 -11.46
C ASP B 56 32.13 32.06 -11.65
N MET B 57 32.06 32.60 -12.87
CA MET B 57 32.60 33.95 -13.17
C MET B 57 31.86 34.92 -12.27
N VAL B 58 30.53 34.80 -12.21
CA VAL B 58 29.68 35.70 -11.38
C VAL B 58 29.98 35.45 -9.90
N LYS B 59 30.03 34.21 -9.44
CA LYS B 59 30.17 33.94 -7.98
C LYS B 59 31.51 34.40 -7.40
N GLU B 60 32.63 34.03 -8.02
CA GLU B 60 33.98 34.29 -7.47
C GLU B 60 34.46 35.75 -7.58
N GLN B 61 34.22 36.44 -8.70
CA GLN B 61 34.83 37.78 -8.95
C GLN B 61 33.83 38.88 -9.31
N ILE B 62 33.01 38.73 -10.35
CA ILE B 62 32.10 39.81 -10.87
C ILE B 62 31.11 40.26 -9.79
N GLN B 63 30.61 39.36 -8.94
CA GLN B 63 29.58 39.68 -7.91
C GLN B 63 30.15 40.64 -6.86
N ALA B 64 31.40 40.45 -6.41
CA ALA B 64 32.05 41.31 -5.39
C ALA B 64 32.46 42.63 -6.03
N GLU B 65 32.79 42.64 -7.32
CA GLU B 65 33.14 43.81 -8.12
C GLU B 65 31.99 44.81 -8.25
N LEU B 66 30.79 44.33 -8.51
CA LEU B 66 29.62 45.19 -8.65
C LEU B 66 29.09 45.70 -7.32
N GLU B 67 29.24 44.94 -6.24
CA GLU B 67 28.94 45.38 -4.88
C GLU B 67 29.90 46.46 -4.40
N LYS B 68 31.19 46.38 -4.76
CA LYS B 68 32.12 47.52 -4.59
C LYS B 68 31.61 48.75 -5.32
N LYS B 69 30.95 48.54 -6.47
CA LYS B 69 30.34 49.58 -7.31
C LYS B 69 28.90 49.94 -6.93
N GLY B 70 28.42 49.50 -5.77
CA GLY B 70 27.12 49.90 -5.22
C GLY B 70 25.91 49.08 -5.70
N TYR B 71 26.13 48.01 -6.46
CA TYR B 71 25.04 47.18 -6.98
C TYR B 71 24.90 45.89 -6.20
N THR B 72 23.71 45.66 -5.66
CA THR B 72 23.28 44.37 -5.08
C THR B 72 22.95 43.39 -6.20
N VAL B 73 23.82 42.41 -6.44
CA VAL B 73 23.63 41.38 -7.48
C VAL B 73 22.81 40.22 -6.93
N LYS B 74 21.83 39.75 -7.72
CA LYS B 74 21.20 38.44 -7.52
C LYS B 74 21.60 37.55 -8.69
N LEU B 75 22.12 36.36 -8.40
CA LEU B 75 22.34 35.33 -9.41
C LEU B 75 21.22 34.30 -9.40
N VAL B 76 20.68 34.00 -10.58
CA VAL B 76 19.87 32.84 -10.90
C VAL B 76 20.69 31.89 -11.76
N GLU B 77 20.78 30.64 -11.34
CA GLU B 77 21.51 29.57 -12.00
C GLU B 77 20.55 28.62 -12.69
N PHE B 78 20.86 28.23 -13.93
CA PHE B 78 20.04 27.34 -14.74
C PHE B 78 20.79 26.08 -15.14
N THR B 79 20.03 25.00 -15.37
CA THR B 79 20.63 23.77 -15.93
C THR B 79 19.86 23.52 -17.23
N ASP B 80 18.86 24.35 -17.52
CA ASP B 80 18.06 24.24 -18.77
C ASP B 80 18.24 25.52 -19.60
N TYR B 81 18.52 25.39 -20.89
CA TYR B 81 18.78 26.56 -21.77
C TYR B 81 17.54 27.45 -22.00
N VAL B 82 16.34 26.87 -22.11
CA VAL B 82 15.12 27.67 -22.46
C VAL B 82 14.76 28.71 -21.39
N ARG B 83 14.81 28.35 -20.10
CA ARG B 83 14.32 29.29 -19.03
C ARG B 83 15.10 30.61 -18.90
N PRO B 84 16.45 30.69 -18.98
CA PRO B 84 17.18 31.95 -18.76
C PRO B 84 16.79 33.10 -19.69
N ASN B 85 16.43 32.81 -20.93
CA ASN B 85 16.15 33.89 -21.90
C ASN B 85 14.74 34.43 -21.61
N LEU B 86 13.74 33.56 -21.58
CA LEU B 86 12.38 33.92 -21.19
C LEU B 86 12.38 34.81 -19.95
N ALA B 87 12.99 34.37 -18.86
CA ALA B 87 13.13 35.12 -17.62
C ALA B 87 13.78 36.50 -17.83
N LEU B 88 14.74 36.60 -18.76
CA LEU B 88 15.31 37.89 -19.17
C LEU B 88 14.27 38.76 -19.88
N ALA B 89 13.66 38.28 -20.97
CA ALA B 89 12.66 39.05 -21.72
C ALA B 89 11.45 39.42 -20.84
N GLU B 90 11.09 38.55 -19.92
CA GLU B 90 10.04 38.72 -18.90
C GLU B 90 10.49 39.57 -17.71
N GLY B 91 11.76 39.96 -17.64
CA GLY B 91 12.28 40.88 -16.61
C GLY B 91 12.42 40.26 -15.22
N GLU B 92 12.25 38.95 -15.07
CA GLU B 92 12.72 38.24 -13.87
C GLU B 92 14.24 38.36 -13.76
N LEU B 93 14.95 38.56 -14.88
CA LEU B 93 16.36 38.92 -14.95
C LEU B 93 16.54 40.31 -15.55
N ASP B 94 17.63 40.96 -15.19
CA ASP B 94 18.13 42.15 -15.87
C ASP B 94 19.18 41.81 -16.95
N ILE B 95 19.90 40.70 -16.83
CA ILE B 95 20.98 40.33 -17.79
C ILE B 95 21.17 38.82 -17.77
N ASN B 96 22.01 38.26 -18.66
CA ASN B 96 22.32 36.80 -18.72
C ASN B 96 23.53 36.60 -19.66
N VAL B 97 24.55 35.85 -19.24
CA VAL B 97 25.78 35.69 -20.07
C VAL B 97 25.82 34.30 -20.73
N PHE B 98 24.84 33.42 -20.49
CA PHE B 98 24.92 32.02 -21.01
C PHE B 98 24.75 31.97 -22.54
N GLN B 99 24.01 32.86 -23.19
CA GLN B 99 23.75 32.73 -24.65
C GLN B 99 24.99 32.94 -25.53
N HIS B 100 25.08 32.18 -26.64
CA HIS B 100 26.18 32.40 -27.61
C HIS B 100 25.57 33.13 -28.82
N LYS B 101 26.38 33.51 -29.81
CA LYS B 101 25.81 34.30 -30.93
C LYS B 101 24.77 33.48 -31.71
N PRO B 102 24.97 32.19 -32.07
CA PRO B 102 23.93 31.40 -32.73
C PRO B 102 22.66 31.20 -31.89
N TYR B 103 22.82 30.83 -30.61
CA TYR B 103 21.62 30.51 -29.79
C TYR B 103 20.73 31.76 -29.63
N LEU B 104 21.31 32.94 -29.40
CA LEU B 104 20.46 34.13 -29.18
C LEU B 104 19.60 34.29 -30.43
N ASP B 105 20.18 34.12 -31.62
CA ASP B 105 19.45 34.40 -32.84
C ASP B 105 18.26 33.47 -33.04
N ASP B 106 18.42 32.15 -32.81
CA ASP B 106 17.30 31.22 -32.89
C ASP B 106 16.20 31.60 -31.89
N PHE B 107 16.53 31.66 -30.61
CA PHE B 107 15.53 31.83 -29.59
C PHE B 107 14.88 33.21 -29.68
N LYS B 108 15.65 34.26 -29.97
CA LYS B 108 15.07 35.59 -30.19
C LYS B 108 14.15 35.59 -31.41
N LYS B 109 14.48 34.88 -32.48
CA LYS B 109 13.62 34.81 -33.67
C LYS B 109 12.37 34.00 -33.38
N GLU B 110 12.54 32.76 -32.97
CA GLU B 110 11.46 31.79 -32.73
C GLU B 110 10.39 32.35 -31.79
N HIS B 111 10.83 33.02 -30.73
CA HIS B 111 9.96 33.58 -29.71
C HIS B 111 9.76 35.10 -29.88
N ASN B 112 10.25 35.68 -30.97
CA ASN B 112 10.20 37.11 -31.32
C ASN B 112 10.56 38.07 -30.16
N LEU B 113 11.68 37.81 -29.50
CA LEU B 113 12.06 38.46 -28.24
C LEU B 113 12.71 39.83 -28.42
N ASP B 114 12.36 40.74 -27.52
CA ASP B 114 13.05 42.01 -27.28
C ASP B 114 14.35 41.83 -26.49
N ILE B 115 15.36 41.19 -27.08
CA ILE B 115 16.68 41.02 -26.48
C ILE B 115 17.82 41.32 -27.45
N THR B 116 18.99 41.60 -26.88
CA THR B 116 20.24 41.84 -27.59
C THR B 116 21.41 41.26 -26.83
N GLU B 117 22.43 40.81 -27.57
CA GLU B 117 23.78 40.68 -27.00
C GLU B 117 24.36 42.05 -26.61
N VAL B 118 25.44 42.06 -25.84
CA VAL B 118 26.12 43.31 -25.44
C VAL B 118 27.62 43.23 -25.67
N PHE B 119 28.27 42.20 -25.12
CA PHE B 119 29.71 41.95 -25.27
C PHE B 119 29.98 40.45 -25.27
N GLN B 120 31.02 40.00 -25.98
CA GLN B 120 31.48 38.62 -25.89
C GLN B 120 32.09 38.31 -24.52
N VAL B 121 32.21 37.04 -24.14
CA VAL B 121 32.85 36.59 -22.88
C VAL B 121 33.81 35.42 -23.12
N PRO B 122 34.80 35.18 -22.25
CA PRO B 122 35.75 34.07 -22.40
C PRO B 122 35.03 32.73 -22.56
N THR B 123 35.29 32.09 -23.71
CA THR B 123 34.52 30.89 -24.10
C THR B 123 35.33 29.60 -24.19
N ALA B 124 34.73 28.49 -23.78
CA ALA B 124 35.31 27.17 -23.91
C ALA B 124 35.86 26.95 -25.33
N PRO B 125 37.17 26.66 -25.46
CA PRO B 125 37.67 26.01 -26.65
C PRO B 125 36.91 24.70 -26.83
N LEU B 126 36.90 24.17 -28.04
CA LEU B 126 36.42 22.82 -28.31
C LEU B 126 37.57 22.05 -28.94
N GLY B 127 37.70 20.76 -28.60
CA GLY B 127 38.84 19.96 -29.03
C GLY B 127 38.56 18.46 -29.02
N LEU B 128 39.24 17.74 -29.90
CA LEU B 128 39.09 16.30 -30.08
C LEU B 128 40.23 15.60 -29.35
N TYR B 129 39.91 14.54 -28.61
CA TYR B 129 40.81 13.90 -27.66
C TYR B 129 40.92 12.39 -27.90
N PRO B 130 42.05 11.77 -27.50
CA PRO B 130 42.25 10.33 -27.55
C PRO B 130 41.15 9.59 -26.79
N GLY B 131 40.56 8.58 -27.41
CA GLY B 131 39.72 7.59 -26.74
C GLY B 131 40.36 6.22 -26.83
N LYS B 132 39.61 5.20 -27.24
CA LYS B 132 40.16 3.86 -27.58
C LYS B 132 41.19 3.93 -28.72
N LEU B 133 41.16 4.98 -29.54
CA LEU B 133 42.19 5.33 -30.50
C LEU B 133 42.98 6.54 -30.02
N LYS B 134 44.29 6.53 -30.27
CA LYS B 134 45.29 7.37 -29.60
C LYS B 134 45.87 8.49 -30.45
N SER B 135 45.72 8.40 -31.76
CA SER B 135 46.12 9.42 -32.73
C SER B 135 45.14 9.39 -33.91
N LEU B 136 44.96 10.55 -34.56
CA LEU B 136 43.89 10.78 -35.53
C LEU B 136 43.92 9.81 -36.71
N GLU B 137 45.13 9.49 -37.15
CA GLU B 137 45.40 8.64 -38.31
C GLU B 137 44.84 7.22 -38.14
N GLU B 138 44.53 6.81 -36.91
CA GLU B 138 43.94 5.52 -36.61
C GLU B 138 42.46 5.38 -37.02
N VAL B 139 41.77 6.47 -37.41
CA VAL B 139 40.35 6.47 -37.78
C VAL B 139 39.99 5.40 -38.84
N LYS B 140 38.85 4.72 -38.64
CA LYS B 140 38.32 3.65 -39.50
C LYS B 140 36.93 3.97 -40.03
N ASP B 141 36.57 3.31 -41.13
CA ASP B 141 35.17 3.14 -41.50
C ASP B 141 34.39 2.47 -40.37
N GLY B 142 33.42 3.17 -39.80
CA GLY B 142 32.68 2.69 -38.62
C GLY B 142 33.33 3.01 -37.27
N SER B 143 34.38 3.84 -37.21
CA SER B 143 34.89 4.39 -35.94
C SER B 143 33.83 5.20 -35.19
N THR B 144 33.97 5.33 -33.87
CA THR B 144 33.03 5.99 -32.95
C THR B 144 33.56 7.30 -32.40
N VAL B 145 32.72 8.34 -32.38
CA VAL B 145 33.11 9.64 -31.81
C VAL B 145 32.00 10.13 -30.88
N SER B 146 32.37 10.57 -29.69
CA SER B 146 31.42 11.11 -28.71
C SER B 146 31.37 12.65 -28.75
N ALA B 147 30.13 13.17 -28.78
CA ALA B 147 29.84 14.58 -29.03
C ALA B 147 28.62 15.08 -28.22
N PRO B 148 28.55 16.38 -27.89
CA PRO B 148 27.43 16.94 -27.15
C PRO B 148 26.12 16.91 -27.94
N ASN B 149 25.02 16.58 -27.25
CA ASN B 149 23.67 16.57 -27.80
C ASN B 149 23.00 17.96 -28.03
N ASP B 150 23.79 19.03 -27.78
CA ASP B 150 23.28 20.42 -27.98
C ASP B 150 23.25 20.75 -29.49
N PRO B 151 22.20 21.40 -30.07
CA PRO B 151 22.12 21.64 -31.51
C PRO B 151 23.25 22.55 -32.02
N SER B 152 23.56 23.62 -31.31
CA SER B 152 24.58 24.57 -31.72
C SER B 152 25.99 24.06 -31.41
N ASN B 153 26.19 23.33 -30.32
CA ASN B 153 27.49 22.71 -30.07
C ASN B 153 27.72 21.48 -30.96
N PHE B 154 26.67 20.75 -31.33
CA PHE B 154 26.72 19.78 -32.42
C PHE B 154 27.11 20.48 -33.74
N ALA B 155 26.60 21.68 -34.01
CA ALA B 155 27.05 22.46 -35.16
C ALA B 155 28.56 22.77 -35.14
N ARG B 156 29.12 23.15 -33.98
CA ARG B 156 30.61 23.33 -33.91
C ARG B 156 31.30 21.99 -34.23
N VAL B 157 30.81 20.88 -33.66
CA VAL B 157 31.42 19.55 -33.83
C VAL B 157 31.44 19.17 -35.31
N LEU B 158 30.31 19.36 -35.98
CA LEU B 158 30.17 19.11 -37.40
C LEU B 158 31.17 19.96 -38.20
N VAL B 159 31.32 21.25 -37.86
CA VAL B 159 32.27 22.17 -38.51
C VAL B 159 33.72 21.71 -38.29
N MET B 160 34.05 21.23 -37.10
CA MET B 160 35.35 20.63 -36.80
C MET B 160 35.63 19.29 -37.51
N LEU B 161 34.66 18.39 -37.69
CA LEU B 161 34.87 17.13 -38.41
C LEU B 161 35.07 17.33 -39.92
N ASP B 162 34.48 18.40 -40.44
CA ASP B 162 34.79 18.92 -41.77
C ASP B 162 36.21 19.50 -41.81
N GLU B 163 36.66 20.22 -40.78
CA GLU B 163 38.06 20.63 -40.69
C GLU B 163 39.04 19.45 -40.52
N LEU B 164 38.62 18.32 -39.96
CA LEU B 164 39.36 17.07 -40.02
C LEU B 164 39.23 16.35 -41.37
N GLY B 165 38.20 16.68 -42.15
CA GLY B 165 37.92 16.07 -43.43
C GLY B 165 37.35 14.66 -43.32
N TRP B 166 36.80 14.32 -42.14
CA TRP B 166 36.24 12.96 -41.88
C TRP B 166 34.83 12.94 -42.47
N ILE B 167 34.04 13.99 -42.24
CA ILE B 167 32.79 14.20 -42.93
C ILE B 167 32.97 15.43 -43.81
N LYS B 168 32.07 15.62 -44.76
CA LYS B 168 31.88 16.91 -45.41
C LYS B 168 30.50 17.45 -45.05
N LEU B 169 30.42 18.70 -44.61
CA LEU B 169 29.16 19.41 -44.54
C LEU B 169 28.83 20.11 -45.84
N LYS B 170 27.54 20.44 -46.01
CA LYS B 170 27.07 21.24 -47.17
C LYS B 170 27.54 22.67 -46.89
N ASP B 171 28.76 23.05 -47.28
CA ASP B 171 29.30 24.40 -46.95
C ASP B 171 28.41 25.46 -47.59
N GLY B 172 28.16 26.57 -46.90
CA GLY B 172 27.24 27.63 -47.38
C GLY B 172 25.85 27.49 -46.76
N ILE B 173 25.55 26.35 -46.14
CA ILE B 173 24.26 26.14 -45.41
C ILE B 173 24.43 26.88 -44.08
N ASN B 174 23.36 27.18 -43.35
CA ASN B 174 23.48 28.00 -42.11
C ASN B 174 24.45 27.26 -41.18
N PRO B 175 25.59 27.85 -40.76
CA PRO B 175 26.47 27.21 -39.78
C PRO B 175 25.85 27.19 -38.38
N LEU B 176 25.17 28.26 -37.97
CA LEU B 176 24.63 28.42 -36.59
C LEU B 176 23.62 27.31 -36.28
N THR B 177 23.03 26.67 -37.29
CA THR B 177 21.97 25.65 -37.13
C THR B 177 22.23 24.34 -37.88
N ALA B 178 23.51 23.96 -38.06
CA ALA B 178 23.92 22.71 -38.71
C ALA B 178 23.49 21.44 -37.91
N SER B 179 23.34 20.29 -38.58
CA SER B 179 22.79 19.04 -38.04
C SER B 179 23.24 17.81 -38.86
N LYS B 180 22.81 16.58 -38.50
CA LYS B 180 23.11 15.36 -39.31
C LYS B 180 22.75 15.49 -40.79
N ALA B 181 21.63 16.14 -41.09
CA ALA B 181 21.17 16.37 -42.47
C ALA B 181 22.08 17.34 -43.25
N ASP B 182 22.81 18.20 -42.54
CA ASP B 182 23.79 19.10 -43.13
C ASP B 182 25.14 18.43 -43.36
N ILE B 183 25.32 17.18 -42.92
CA ILE B 183 26.37 16.33 -43.44
C ILE B 183 26.05 16.03 -44.90
N ALA B 184 26.82 16.62 -45.81
CA ALA B 184 26.73 16.30 -47.23
C ALA B 184 27.16 14.85 -47.48
N GLU B 185 28.23 14.43 -46.80
CA GLU B 185 28.74 13.08 -46.88
C GLU B 185 29.48 12.72 -45.60
N ASN B 186 29.08 11.60 -44.99
CA ASN B 186 29.82 10.98 -43.93
C ASN B 186 31.00 10.20 -44.55
N LEU B 187 32.06 10.93 -44.91
CA LEU B 187 33.15 10.41 -45.75
C LEU B 187 33.71 9.09 -45.22
N LYS B 188 33.95 9.00 -43.90
CA LYS B 188 34.47 7.81 -43.23
C LYS B 188 33.40 6.96 -42.55
N ASN B 189 32.10 7.16 -42.83
CA ASN B 189 30.99 6.41 -42.20
C ASN B 189 31.11 6.33 -40.66
N ILE B 190 31.48 7.44 -40.02
CA ILE B 190 31.68 7.57 -38.59
C ILE B 190 30.37 7.36 -37.83
N LYS B 191 30.46 6.64 -36.71
CA LYS B 191 29.37 6.34 -35.79
C LYS B 191 29.34 7.40 -34.68
N ILE B 192 28.57 8.46 -34.89
CA ILE B 192 28.46 9.56 -33.92
C ILE B 192 27.64 9.10 -32.70
N VAL B 193 28.05 9.54 -31.52
CA VAL B 193 27.42 9.20 -30.25
C VAL B 193 27.08 10.48 -29.49
N GLU B 194 25.83 10.94 -29.61
CA GLU B 194 25.34 12.12 -28.88
C GLU B 194 25.19 11.82 -27.38
N LEU B 195 25.72 12.70 -26.53
CA LEU B 195 25.74 12.54 -25.08
C LEU B 195 25.58 13.88 -24.35
N GLU B 196 25.32 13.80 -23.05
CA GLU B 196 25.50 14.93 -22.14
C GLU B 196 27.00 15.25 -22.00
N ALA B 197 27.34 16.53 -22.04
CA ALA B 197 28.70 17.01 -22.10
C ALA B 197 29.58 16.58 -20.91
N ALA B 198 29.10 16.62 -19.67
CA ALA B 198 29.88 16.18 -18.52
C ALA B 198 30.20 14.68 -18.56
N GLN B 199 29.53 13.89 -19.40
CA GLN B 199 29.86 12.49 -19.60
C GLN B 199 31.00 12.27 -20.61
N LEU B 200 31.27 13.24 -21.47
CA LEU B 200 32.32 13.12 -22.48
C LEU B 200 33.71 12.77 -21.94
N PRO B 201 34.17 13.27 -20.77
CA PRO B 201 35.47 12.86 -20.24
C PRO B 201 35.53 11.38 -19.88
N ARG B 202 34.46 10.85 -19.30
CA ARG B 202 34.43 9.39 -18.94
C ARG B 202 34.33 8.54 -20.21
N SER B 203 33.73 9.06 -21.29
CA SER B 203 33.48 8.30 -22.52
C SER B 203 34.73 7.87 -23.29
N ARG B 204 35.89 8.45 -22.96
CA ARG B 204 37.16 8.11 -23.69
C ARG B 204 37.32 6.59 -23.75
N ALA B 205 37.13 5.89 -22.63
CA ALA B 205 37.23 4.42 -22.58
C ALA B 205 36.22 3.70 -23.50
N ASP B 206 35.03 4.27 -23.72
CA ASP B 206 33.93 3.65 -24.47
C ASP B 206 33.94 3.97 -25.99
N VAL B 207 34.49 5.11 -26.42
CA VAL B 207 34.55 5.53 -27.84
C VAL B 207 35.97 5.74 -28.34
N ASP B 208 36.17 5.71 -29.65
CA ASP B 208 37.50 5.83 -30.27
C ASP B 208 38.15 7.20 -30.05
N PHE B 209 37.46 8.29 -30.37
CA PHE B 209 37.96 9.67 -30.09
C PHE B 209 36.79 10.37 -29.42
N ALA B 210 37.01 11.38 -28.59
CA ALA B 210 35.92 12.01 -27.82
C ALA B 210 36.04 13.53 -27.85
N VAL B 211 35.17 14.20 -28.60
CA VAL B 211 35.17 15.69 -28.55
C VAL B 211 34.84 15.99 -27.08
N VAL B 212 35.54 16.91 -26.43
CA VAL B 212 35.24 17.33 -25.02
C VAL B 212 34.85 18.79 -25.13
N ASN B 213 33.77 19.23 -24.48
CA ASN B 213 33.19 20.59 -24.66
C ASN B 213 34.25 21.67 -24.38
N GLY B 214 35.15 21.43 -23.44
CA GLY B 214 36.16 22.42 -22.99
C GLY B 214 35.68 22.95 -21.67
N ASN B 215 34.37 22.88 -21.41
CA ASN B 215 33.87 23.25 -20.05
C ASN B 215 34.18 22.07 -19.14
N TYR B 216 34.29 20.86 -19.72
CA TYR B 216 34.62 19.63 -18.93
C TYR B 216 36.06 19.16 -19.16
N ALA B 217 36.80 19.72 -20.13
CA ALA B 217 38.21 19.42 -20.33
C ALA B 217 39.08 19.98 -19.20
N ILE B 218 38.89 21.25 -18.85
CA ILE B 218 39.73 21.93 -17.85
C ILE B 218 39.28 21.64 -16.42
N SER B 219 38.03 21.23 -16.17
CA SER B 219 37.63 20.68 -14.86
C SER B 219 38.13 19.23 -14.72
N SER B 220 38.26 18.48 -15.82
CA SER B 220 39.00 17.19 -15.83
C SER B 220 40.38 17.66 -16.31
N GLY B 221 40.97 18.66 -15.65
CA GLY B 221 42.16 19.39 -16.09
C GLY B 221 43.40 18.53 -16.29
N MET B 222 43.50 17.46 -15.50
CA MET B 222 44.50 16.40 -15.59
C MET B 222 44.70 15.84 -17.01
N LYS B 223 43.69 15.92 -17.89
CA LYS B 223 43.78 15.49 -19.29
C LYS B 223 43.58 16.60 -20.32
N LEU B 224 43.42 17.87 -19.91
CA LEU B 224 43.11 18.97 -20.84
C LEU B 224 44.17 19.14 -21.96
N THR B 225 45.43 18.83 -21.68
CA THR B 225 46.55 18.92 -22.63
C THR B 225 46.52 17.90 -23.76
N GLU B 226 45.74 16.82 -23.64
CA GLU B 226 45.82 15.69 -24.57
C GLU B 226 45.02 15.91 -25.87
N ALA B 227 44.64 17.15 -26.18
CA ALA B 227 43.88 17.45 -27.38
C ALA B 227 44.68 17.11 -28.65
N LEU B 228 44.09 16.29 -29.51
CA LEU B 228 44.60 16.00 -30.86
C LEU B 228 44.29 17.13 -31.85
N PHE B 229 43.21 17.90 -31.60
CA PHE B 229 42.81 18.99 -32.53
C PHE B 229 42.35 20.22 -31.72
N GLN B 230 42.26 21.39 -32.36
CA GLN B 230 41.87 22.65 -31.66
C GLN B 230 40.80 23.38 -32.49
N GLU B 231 40.01 24.26 -31.87
CA GLU B 231 38.90 24.94 -32.60
C GLU B 231 39.28 26.38 -32.94
N PRO B 232 39.34 26.76 -34.23
CA PRO B 232 39.59 28.16 -34.62
C PRO B 232 38.29 28.90 -34.99
N SER B 233 37.13 28.24 -34.91
CA SER B 233 35.86 28.87 -35.36
C SER B 233 35.44 29.99 -34.41
N PHE B 234 35.07 31.16 -34.96
CA PHE B 234 34.61 32.30 -34.14
C PHE B 234 33.09 32.49 -34.31
N ALA B 235 32.43 31.56 -34.99
CA ALA B 235 30.98 31.70 -35.27
C ALA B 235 30.16 31.44 -34.00
N TYR B 236 30.78 30.83 -32.98
CA TYR B 236 30.03 30.46 -31.73
C TYR B 236 30.60 31.14 -30.49
N VAL B 237 30.75 32.47 -30.45
CA VAL B 237 31.33 33.05 -29.20
C VAL B 237 30.20 33.25 -28.19
N ASN B 238 30.47 33.02 -26.89
CA ASN B 238 29.47 33.30 -25.84
C ASN B 238 29.26 34.81 -25.78
N TRP B 239 28.08 35.28 -25.35
CA TRP B 239 27.78 36.74 -25.38
C TRP B 239 26.82 37.14 -24.28
N SER B 240 27.21 38.07 -23.39
CA SER B 240 26.21 38.64 -22.49
C SER B 240 25.01 39.17 -23.28
N ALA B 241 23.84 39.19 -22.62
CA ALA B 241 22.59 39.61 -23.28
C ALA B 241 21.62 40.31 -22.31
N VAL B 242 20.77 41.22 -22.80
CA VAL B 242 19.79 41.99 -22.03
C VAL B 242 18.51 42.19 -22.83
N LYS B 243 17.41 42.63 -22.17
CA LYS B 243 16.29 43.20 -22.93
C LYS B 243 16.81 44.39 -23.72
N THR B 244 16.40 44.57 -24.96
CA THR B 244 17.08 45.57 -25.81
C THR B 244 16.99 46.98 -25.25
N ALA B 245 15.85 47.35 -24.64
CA ALA B 245 15.67 48.63 -23.97
C ALA B 245 16.70 48.91 -22.85
N ASP B 246 17.33 47.87 -22.29
CA ASP B 246 18.29 47.98 -21.20
C ASP B 246 19.70 48.35 -21.65
N LYS B 247 19.97 48.22 -22.96
CA LYS B 247 21.31 48.25 -23.57
C LYS B 247 22.17 49.45 -23.21
N ASP B 248 21.55 50.59 -22.91
CA ASP B 248 22.23 51.84 -22.57
C ASP B 248 22.40 52.08 -21.05
N SER B 249 21.77 51.29 -20.18
CA SER B 249 21.67 51.57 -18.75
C SER B 249 23.03 51.60 -18.04
N GLN B 250 23.21 52.52 -17.08
CA GLN B 250 24.49 52.65 -16.38
C GLN B 250 24.86 51.39 -15.60
N TRP B 251 23.86 50.71 -15.03
CA TRP B 251 24.11 49.44 -14.37
C TRP B 251 24.68 48.43 -15.35
N LEU B 252 24.13 48.31 -16.57
CA LEU B 252 24.70 47.44 -17.59
C LEU B 252 26.11 47.88 -18.02
N LYS B 253 26.36 49.19 -18.13
CA LYS B 253 27.72 49.68 -18.37
C LYS B 253 28.67 49.29 -17.24
N ASP B 254 28.23 49.30 -16.00
CA ASP B 254 29.04 48.85 -14.89
C ASP B 254 29.23 47.33 -14.83
N VAL B 255 28.26 46.55 -15.27
CA VAL B 255 28.47 45.13 -15.52
C VAL B 255 29.53 44.95 -16.60
N THR B 256 29.38 45.64 -17.72
CA THR B 256 30.31 45.55 -18.86
C THR B 256 31.71 45.94 -18.40
N GLU B 257 31.84 47.03 -17.67
CA GLU B 257 33.10 47.43 -17.09
C GLU B 257 33.62 46.38 -16.12
N ALA B 258 32.80 45.80 -15.25
CA ALA B 258 33.28 44.74 -14.38
C ALA B 258 33.85 43.58 -15.21
N TYR B 259 33.13 43.17 -16.25
CA TYR B 259 33.53 42.21 -17.27
C TYR B 259 34.72 42.64 -18.14
N ASN B 260 35.22 43.86 -17.97
CA ASN B 260 36.40 44.36 -18.66
C ASN B 260 37.39 45.07 -17.70
N SER B 261 37.22 44.91 -16.39
CA SER B 261 38.10 45.43 -15.35
C SER B 261 39.38 44.61 -15.29
N ASP B 262 40.49 45.23 -14.91
CA ASP B 262 41.79 44.56 -14.90
C ASP B 262 41.86 43.42 -13.88
N ALA B 263 41.24 43.64 -12.71
CA ALA B 263 40.99 42.63 -11.70
C ALA B 263 40.20 41.43 -12.26
N PHE B 264 39.15 41.66 -13.05
CA PHE B 264 38.44 40.57 -13.70
C PHE B 264 39.32 39.84 -14.71
N LYS B 265 40.09 40.55 -15.54
CA LYS B 265 41.04 39.90 -16.46
C LYS B 265 42.08 39.05 -15.71
N ALA B 266 42.68 39.56 -14.63
CA ALA B 266 43.59 38.79 -13.79
C ALA B 266 42.94 37.51 -13.23
N TYR B 267 41.72 37.63 -12.69
CA TYR B 267 40.94 36.48 -12.24
C TYR B 267 40.64 35.48 -13.38
N ALA B 268 40.24 35.93 -14.57
CA ALA B 268 39.90 35.06 -15.69
C ALA B 268 41.11 34.33 -16.27
N HIS B 269 42.25 35.00 -16.43
CA HIS B 269 43.52 34.37 -16.88
C HIS B 269 43.90 33.22 -15.93
N LYS B 270 43.77 33.47 -14.63
CA LYS B 270 44.05 32.50 -13.57
C LYS B 270 43.05 31.34 -13.53
N ARG B 271 41.75 31.61 -13.65
CA ARG B 271 40.68 30.59 -13.45
C ARG B 271 40.32 29.84 -14.74
N PHE B 272 40.37 30.47 -15.91
CA PHE B 272 39.89 29.91 -17.18
C PHE B 272 40.98 29.89 -18.25
N GLU B 273 42.15 29.35 -17.88
CA GLU B 273 43.33 29.37 -18.73
C GLU B 273 43.06 28.67 -20.08
N GLY B 274 43.50 29.29 -21.18
CA GLY B 274 43.29 28.78 -22.54
C GLY B 274 41.91 29.05 -23.16
N TYR B 275 41.00 29.77 -22.51
CA TYR B 275 39.68 30.08 -23.11
C TYR B 275 39.74 31.13 -24.21
N LYS B 276 38.85 30.96 -25.20
CA LYS B 276 38.73 31.80 -26.41
C LYS B 276 38.16 33.16 -26.01
N SER B 277 39.00 34.19 -26.02
CA SER B 277 38.66 35.49 -25.46
C SER B 277 37.68 36.28 -26.31
N PRO B 278 37.03 37.31 -25.73
CA PRO B 278 36.37 38.35 -26.49
C PRO B 278 37.27 38.96 -27.56
N ALA B 279 36.72 39.32 -28.73
CA ALA B 279 37.47 40.07 -29.75
C ALA B 279 37.81 41.44 -29.15
N ALA B 280 37.10 41.87 -28.10
CA ALA B 280 37.38 43.12 -27.36
C ALA B 280 38.76 43.04 -26.73
N TRP B 281 39.18 41.85 -26.29
CA TRP B 281 40.51 41.61 -25.66
C TRP B 281 41.52 41.33 -26.78
N ASN B 282 41.15 41.50 -28.05
CA ASN B 282 42.00 41.17 -29.23
C ASN B 282 41.96 39.65 -29.38
N GLU B 283 40.93 38.99 -28.83
CA GLU B 283 40.78 37.50 -28.89
C GLU B 283 42.05 36.90 -28.27
N GLY B 284 42.56 37.52 -27.20
CA GLY B 284 43.77 37.03 -26.51
C GLY B 284 44.22 38.01 -25.43
N THR C 5 42.42 15.01 0.43
CA THR C 5 43.29 14.79 1.62
C THR C 5 42.66 15.42 2.85
N PHE C 6 42.74 14.78 4.02
CA PHE C 6 41.88 15.07 5.19
C PHE C 6 41.88 16.54 5.67
N GLN C 7 43.01 17.13 6.08
CA GLN C 7 43.01 18.52 6.59
C GLN C 7 42.56 19.54 5.53
N GLN C 8 42.85 19.24 4.27
CA GLN C 8 42.52 20.04 3.11
C GLN C 8 41.01 19.98 2.89
N ALA C 9 40.42 18.80 2.96
CA ALA C 9 38.97 18.63 2.95
C ALA C 9 38.31 19.43 4.09
N VAL C 10 38.73 19.21 5.33
CA VAL C 10 38.11 19.80 6.53
C VAL C 10 38.16 21.31 6.48
N SER C 11 39.34 21.88 6.23
CA SER C 11 39.49 23.32 6.08
C SER C 11 38.63 23.88 4.96
N THR C 12 38.46 23.16 3.85
CA THR C 12 37.58 23.58 2.76
C THR C 12 36.14 23.73 3.22
N ILE C 13 35.58 22.74 3.95
CA ILE C 13 34.16 22.75 4.34
C ILE C 13 33.74 24.04 5.05
N VAL C 14 34.59 24.58 5.92
CA VAL C 14 34.28 25.80 6.69
C VAL C 14 33.91 26.98 5.78
N GLY C 15 34.46 27.04 4.56
CA GLY C 15 34.17 28.13 3.62
C GLY C 15 32.71 28.19 3.17
N MET C 16 32.04 27.06 3.02
CA MET C 16 30.69 26.99 2.45
C MET C 16 29.55 27.27 3.44
N LYS C 17 29.91 27.62 4.68
CA LYS C 17 29.01 27.74 5.83
C LYS C 17 27.64 28.35 5.52
N ASP C 18 27.58 29.58 5.02
CA ASP C 18 26.29 30.28 4.83
C ASP C 18 25.43 29.68 3.73
N GLU C 19 26.07 29.29 2.63
CA GLU C 19 25.40 28.67 1.47
C GLU C 19 24.66 27.40 1.88
N ILE C 20 25.28 26.57 2.71
CA ILE C 20 24.68 25.33 3.20
C ILE C 20 23.36 25.64 3.94
N PHE C 21 23.35 26.61 4.85
CA PHE C 21 22.15 26.98 5.62
C PHE C 21 21.05 27.50 4.71
N ARG C 22 21.42 28.24 3.64
CA ARG C 22 20.45 28.82 2.67
C ARG C 22 19.86 27.70 1.79
N ALA C 23 20.62 26.66 1.42
CA ALA C 23 20.13 25.51 0.66
C ALA C 23 19.13 24.67 1.47
N LEU C 24 19.45 24.43 2.74
CA LEU C 24 18.62 23.69 3.68
C LEU C 24 17.33 24.41 4.02
N GLY C 25 17.42 25.71 4.32
CA GLY C 25 16.27 26.57 4.54
C GLY C 25 15.30 26.54 3.37
N GLU C 26 15.85 26.50 2.15
CA GLU C 26 15.03 26.34 0.96
C GLU C 26 14.31 24.98 0.95
N THR C 27 15.07 23.91 1.12
CA THR C 27 14.60 22.52 1.06
C THR C 27 13.36 22.26 1.92
N PHE C 28 13.29 22.74 3.16
CA PHE C 28 12.13 22.49 4.04
C PHE C 28 10.81 23.00 3.45
N VAL C 29 10.86 24.16 2.81
CA VAL C 29 9.70 24.81 2.21
C VAL C 29 9.16 23.93 1.09
N MET C 30 10.02 23.53 0.15
CA MET C 30 9.62 22.70 -1.00
C MET C 30 8.93 21.42 -0.53
N VAL C 31 9.57 20.66 0.35
CA VAL C 31 9.07 19.34 0.74
C VAL C 31 7.83 19.50 1.61
N GLY C 32 7.92 20.26 2.69
CA GLY C 32 6.83 20.37 3.66
C GLY C 32 5.55 20.88 3.02
N LEU C 33 5.62 22.05 2.38
CA LEU C 33 4.46 22.70 1.78
C LEU C 33 3.78 21.79 0.75
N SER C 34 4.53 21.29 -0.25
CA SER C 34 3.96 20.46 -1.31
C SER C 34 3.30 19.19 -0.77
N THR C 35 3.89 18.61 0.27
CA THR C 35 3.34 17.42 0.91
C THR C 35 1.93 17.66 1.40
N THR C 36 1.68 18.80 2.05
CA THR C 36 0.37 19.11 2.61
C THR C 36 -0.71 19.00 1.54
N PHE C 37 -0.53 19.65 0.40
CA PHE C 37 -1.53 19.63 -0.67
C PHE C 37 -1.70 18.22 -1.23
N ALA C 38 -0.58 17.51 -1.41
CA ALA C 38 -0.58 16.16 -1.93
C ALA C 38 -1.47 15.25 -1.06
N VAL C 39 -1.28 15.32 0.26
CA VAL C 39 -2.11 14.54 1.18
C VAL C 39 -3.55 15.01 1.18
N ILE C 40 -3.78 16.32 1.02
CA ILE C 40 -5.15 16.91 1.06
C ILE C 40 -5.94 16.47 -0.18
N PHE C 41 -5.61 16.91 -1.40
CA PHE C 41 -6.46 16.64 -2.56
C PHE C 41 -6.42 15.17 -2.98
N GLY C 42 -5.26 14.52 -2.82
CA GLY C 42 -5.13 13.10 -3.06
C GLY C 42 -6.11 12.27 -2.22
N THR C 43 -6.39 12.67 -0.99
CA THR C 43 -7.39 12.01 -0.16
C THR C 43 -8.75 12.02 -0.84
N LEU C 44 -9.22 13.19 -1.22
CA LEU C 44 -10.58 13.36 -1.75
C LEU C 44 -10.71 12.51 -3.01
N LEU C 45 -9.71 12.62 -3.88
CA LEU C 45 -9.68 11.93 -5.14
C LEU C 45 -9.74 10.41 -4.95
N GLY C 46 -8.87 9.87 -4.09
CA GLY C 46 -8.90 8.44 -3.76
C GLY C 46 -10.24 8.00 -3.20
N VAL C 47 -10.81 8.77 -2.28
CA VAL C 47 -12.12 8.48 -1.70
C VAL C 47 -13.19 8.46 -2.77
N LEU C 48 -13.22 9.47 -3.62
CA LEU C 48 -14.26 9.62 -4.63
C LEU C 48 -14.21 8.46 -5.64
N LEU C 49 -12.99 8.10 -6.05
CA LEU C 49 -12.79 6.91 -6.85
C LEU C 49 -13.38 5.71 -6.13
N PHE C 50 -13.06 5.53 -4.86
CA PHE C 50 -13.47 4.33 -4.17
C PHE C 50 -14.99 4.26 -4.02
N VAL C 51 -15.65 5.34 -3.61
CA VAL C 51 -17.11 5.32 -3.45
C VAL C 51 -17.82 5.05 -4.76
N THR C 52 -17.35 5.63 -5.86
CA THR C 52 -17.92 5.30 -7.18
C THR C 52 -17.54 3.90 -7.67
N SER C 53 -16.51 3.28 -7.08
CA SER C 53 -16.20 1.87 -7.31
C SER C 53 -17.20 0.96 -6.57
N SER C 54 -17.79 1.45 -5.47
CA SER C 54 -18.71 0.63 -4.62
C SER C 54 -20.16 1.10 -4.74
N ARG C 55 -21.11 0.33 -4.17
CA ARG C 55 -22.55 0.70 -4.17
C ARG C 55 -22.83 1.62 -2.98
N GLN C 56 -21.85 1.80 -2.09
CA GLN C 56 -21.98 2.75 -0.95
C GLN C 56 -22.02 4.14 -1.59
N LEU C 57 -22.77 5.09 -1.01
CA LEU C 57 -22.97 6.42 -1.66
C LEU C 57 -23.68 6.18 -3.00
N HIS C 58 -23.06 6.61 -4.10
CA HIS C 58 -23.63 6.35 -5.46
C HIS C 58 -22.60 5.58 -6.29
N TYR C 59 -23.02 4.52 -6.98
CA TYR C 59 -22.12 3.76 -7.90
C TYR C 59 -22.25 4.37 -9.28
N ASN C 60 -21.18 4.98 -9.80
CA ASN C 60 -21.17 5.62 -11.14
C ASN C 60 -20.11 4.88 -11.96
N LYS C 61 -20.51 3.93 -12.81
CA LYS C 61 -19.58 3.15 -13.66
C LYS C 61 -18.73 4.04 -14.58
N LEU C 62 -19.38 4.87 -15.39
CA LEU C 62 -18.71 5.71 -16.37
C LEU C 62 -17.77 6.74 -15.71
N VAL C 63 -18.27 7.48 -14.73
CA VAL C 63 -17.50 8.47 -13.96
C VAL C 63 -16.29 7.81 -13.31
N ASN C 64 -16.50 6.65 -12.68
CA ASN C 64 -15.42 5.88 -12.08
C ASN C 64 -14.30 5.57 -13.09
N PHE C 65 -14.68 5.05 -14.27
CA PHE C 65 -13.72 4.67 -15.28
C PHE C 65 -12.92 5.88 -15.79
N LEU C 66 -13.63 6.97 -16.08
CA LEU C 66 -12.97 8.20 -16.60
C LEU C 66 -12.00 8.75 -15.55
N LEU C 67 -12.47 8.88 -14.30
CA LEU C 67 -11.62 9.44 -13.22
C LEU C 67 -10.42 8.52 -12.98
N ASP C 68 -10.65 7.20 -13.00
CA ASP C 68 -9.54 6.23 -12.77
C ASP C 68 -8.50 6.42 -13.88
N ASN C 69 -8.97 6.55 -15.12
CA ASN C 69 -8.04 6.70 -16.28
C ASN C 69 -7.23 7.99 -16.09
N LEU C 70 -7.88 9.06 -15.63
CA LEU C 70 -7.18 10.36 -15.47
C LEU C 70 -6.03 10.22 -14.47
N VAL C 71 -6.26 9.52 -13.36
CA VAL C 71 -5.20 9.36 -12.31
C VAL C 71 -4.03 8.57 -12.91
N ASN C 72 -4.33 7.49 -13.65
CA ASN C 72 -3.25 6.67 -14.28
C ASN C 72 -2.51 7.51 -15.32
N LEU C 73 -3.24 8.31 -16.09
CA LEU C 73 -2.62 9.14 -17.16
C LEU C 73 -1.67 10.14 -16.52
N MET C 74 -2.07 10.73 -15.40
CA MET C 74 -1.23 11.80 -14.81
C MET C 74 -0.06 11.22 -14.02
N ARG C 75 -0.26 10.13 -13.26
CA ARG C 75 0.94 9.56 -12.62
C ARG C 75 2.00 9.24 -13.65
N ALA C 76 1.63 8.48 -14.69
CA ALA C 76 2.61 7.92 -15.60
C ALA C 76 3.18 8.95 -16.59
N PHE C 77 2.49 10.11 -16.70
CA PHE C 77 2.99 11.23 -17.55
C PHE C 77 4.28 11.79 -16.96
N PRO C 78 5.39 12.02 -17.72
CA PRO C 78 6.67 12.38 -17.11
C PRO C 78 6.73 13.74 -16.41
N PHE C 79 7.26 13.70 -15.19
CA PHE C 79 7.45 14.84 -14.29
C PHE C 79 8.17 16.02 -14.95
N VAL C 80 9.33 15.76 -15.54
CA VAL C 80 10.20 16.83 -16.06
C VAL C 80 9.51 17.57 -17.21
N ILE C 81 8.89 16.80 -18.11
CA ILE C 81 8.11 17.35 -19.23
C ILE C 81 6.93 18.16 -18.72
N LEU C 82 6.22 17.63 -17.74
CA LEU C 82 5.05 18.30 -17.16
C LEU C 82 5.41 19.67 -16.60
N MET C 83 6.51 19.76 -15.86
CA MET C 83 7.04 21.01 -15.31
C MET C 83 7.24 22.04 -16.43
N ILE C 84 7.86 21.62 -17.52
CA ILE C 84 8.13 22.50 -18.67
C ILE C 84 6.82 22.92 -19.36
N ALA C 85 5.84 22.04 -19.47
CA ALA C 85 4.54 22.41 -20.01
C ALA C 85 3.79 23.41 -19.11
N MET C 86 3.91 23.29 -17.78
CA MET C 86 3.20 24.13 -16.82
C MET C 86 3.65 25.60 -16.75
N ILE C 87 4.70 25.99 -17.47
CA ILE C 87 5.35 27.30 -17.35
C ILE C 87 4.35 28.48 -17.34
N PRO C 88 3.43 28.63 -18.31
CA PRO C 88 2.62 29.86 -18.45
C PRO C 88 1.57 30.03 -17.35
N ALA C 89 0.92 28.93 -16.99
CA ALA C 89 -0.05 28.89 -15.91
C ALA C 89 0.64 29.17 -14.56
N THR C 90 1.77 28.51 -14.31
CA THR C 90 2.56 28.67 -13.08
C THR C 90 2.92 30.14 -12.87
N ARG C 91 3.41 30.79 -13.93
CA ARG C 91 3.80 32.23 -13.94
C ARG C 91 2.62 33.14 -13.56
N ALA C 92 1.43 32.92 -14.11
CA ALA C 92 0.27 33.75 -13.82
C ALA C 92 -0.19 33.64 -12.36
N ILE C 93 -0.19 32.42 -11.83
CA ILE C 93 -0.68 32.13 -10.47
C ILE C 93 0.27 32.68 -9.42
N VAL C 94 1.53 32.26 -9.48
CA VAL C 94 2.50 32.55 -8.41
C VAL C 94 3.11 33.95 -8.56
N GLY C 95 3.09 34.51 -9.78
CA GLY C 95 3.82 35.73 -10.15
C GLY C 95 5.29 35.49 -10.53
N SER C 96 5.74 34.23 -10.56
CA SER C 96 7.09 33.79 -10.95
C SER C 96 7.09 32.31 -11.33
N THR C 97 8.13 31.86 -12.04
CA THR C 97 8.40 30.42 -12.28
C THR C 97 9.72 29.95 -11.67
N ILE C 98 10.60 30.87 -11.27
CA ILE C 98 11.81 30.55 -10.52
C ILE C 98 11.50 30.43 -9.01
N GLY C 99 12.33 29.71 -8.27
CA GLY C 99 12.23 29.61 -6.81
C GLY C 99 11.42 28.43 -6.25
N PRO C 100 11.51 28.22 -4.93
CA PRO C 100 11.06 27.02 -4.24
C PRO C 100 9.54 26.94 -4.16
N VAL C 101 8.86 28.06 -4.00
CA VAL C 101 7.38 28.07 -3.96
C VAL C 101 6.78 27.63 -5.29
N ALA C 102 7.22 28.21 -6.40
CA ALA C 102 6.77 27.81 -7.73
C ALA C 102 7.05 26.31 -7.96
N ALA C 103 8.28 25.86 -7.69
CA ALA C 103 8.60 24.44 -7.78
C ALA C 103 7.69 23.55 -6.92
N SER C 104 7.43 23.94 -5.67
CA SER C 104 6.59 23.17 -4.76
C SER C 104 5.18 22.97 -5.30
N LEU C 105 4.64 23.93 -6.06
CA LEU C 105 3.36 23.78 -6.72
C LEU C 105 3.44 22.58 -7.67
N VAL C 106 4.46 22.57 -8.53
CA VAL C 106 4.66 21.49 -9.49
C VAL C 106 4.87 20.14 -8.79
N LEU C 107 5.72 20.08 -7.75
CA LEU C 107 5.89 18.88 -6.92
C LEU C 107 4.54 18.37 -6.45
N SER C 108 3.75 19.28 -5.89
CA SER C 108 2.48 18.91 -5.27
C SER C 108 1.52 18.31 -6.29
N VAL C 109 1.50 18.82 -7.52
CA VAL C 109 0.62 18.34 -8.58
C VAL C 109 0.83 16.86 -8.80
N SER C 110 2.08 16.45 -9.02
CA SER C 110 2.44 15.03 -9.12
C SER C 110 1.95 14.25 -7.89
N GLY C 111 2.21 14.84 -6.71
CA GLY C 111 1.83 14.27 -5.43
C GLY C 111 0.33 14.01 -5.29
N LEU C 112 -0.55 14.82 -5.87
CA LEU C 112 -2.00 14.60 -5.71
C LEU C 112 -2.39 13.21 -6.21
N PHE C 113 -1.97 12.91 -7.44
CA PHE C 113 -2.29 11.66 -8.10
C PHE C 113 -1.59 10.50 -7.41
N TYR C 114 -0.29 10.65 -7.13
CA TYR C 114 0.46 9.59 -6.49
C TYR C 114 -0.18 9.26 -5.13
N PHE C 115 -0.52 10.27 -4.34
CA PHE C 115 -1.18 10.06 -3.06
C PHE C 115 -2.58 9.45 -3.22
N ALA C 116 -3.40 9.90 -4.16
CA ALA C 116 -4.72 9.28 -4.37
C ALA C 116 -4.61 7.79 -4.72
N ARG C 117 -3.62 7.46 -5.56
CA ARG C 117 -3.39 6.03 -5.92
C ARG C 117 -2.96 5.28 -4.66
N LEU C 118 -2.02 5.84 -3.89
CA LEU C 118 -1.62 5.23 -2.62
C LEU C 118 -2.81 5.04 -1.69
N VAL C 119 -3.68 6.04 -1.59
CA VAL C 119 -4.88 5.98 -0.76
C VAL C 119 -5.75 4.81 -1.19
N GLU C 120 -5.90 4.63 -2.49
CA GLU C 120 -6.72 3.57 -3.06
C GLU C 120 -6.35 2.18 -2.53
N GLN C 121 -5.06 1.89 -2.36
CA GLN C 121 -4.64 0.62 -1.75
C GLN C 121 -5.39 0.40 -0.45
N ASN C 122 -5.18 1.35 0.44
CA ASN C 122 -5.67 1.28 1.80
C ASN C 122 -7.20 1.22 1.82
N LEU C 123 -7.88 2.04 1.03
CA LEU C 123 -9.34 2.07 0.98
C LEU C 123 -9.92 0.73 0.55
N ARG C 124 -9.51 0.19 -0.60
CA ARG C 124 -10.09 -1.07 -1.17
C ARG C 124 -9.85 -2.28 -0.27
N GLU C 125 -8.89 -2.21 0.65
CA GLU C 125 -8.40 -3.39 1.37
C GLU C 125 -8.98 -3.57 2.78
N VAL C 126 -9.96 -2.76 3.17
CA VAL C 126 -10.63 -2.87 4.48
C VAL C 126 -11.52 -4.12 4.60
N PRO C 127 -11.73 -4.67 5.81
CA PRO C 127 -12.67 -5.76 6.04
C PRO C 127 -14.13 -5.29 5.95
N LYS C 128 -14.97 -6.05 5.26
CA LYS C 128 -16.33 -5.69 4.85
C LYS C 128 -17.29 -5.37 5.98
N GLY C 129 -17.22 -6.15 7.05
CA GLY C 129 -18.34 -6.34 7.97
C GLY C 129 -18.89 -5.05 8.55
N VAL C 130 -18.04 -4.17 9.06
CA VAL C 130 -18.50 -2.93 9.71
C VAL C 130 -19.23 -2.02 8.73
N ILE C 131 -18.76 -1.99 7.48
CA ILE C 131 -19.41 -1.20 6.44
C ILE C 131 -20.79 -1.76 6.21
N GLU C 132 -20.90 -3.08 6.05
CA GLU C 132 -22.19 -3.72 5.88
C GLU C 132 -23.12 -3.44 7.06
N ALA C 133 -22.57 -3.42 8.27
CA ALA C 133 -23.33 -3.16 9.48
C ALA C 133 -23.88 -1.74 9.52
N ALA C 134 -23.04 -0.73 9.33
CA ALA C 134 -23.49 0.65 9.32
C ALA C 134 -24.49 0.90 8.19
N ALA C 135 -24.27 0.26 7.04
CA ALA C 135 -25.20 0.36 5.93
C ALA C 135 -26.55 -0.24 6.29
N ALA C 136 -26.55 -1.41 6.94
CA ALA C 136 -27.76 -1.99 7.48
C ALA C 136 -28.45 -1.06 8.49
N MET C 137 -27.67 -0.40 9.34
CA MET C 137 -28.15 0.64 10.28
C MET C 137 -28.68 1.90 9.57
N GLY C 138 -28.61 1.99 8.24
CA GLY C 138 -29.10 3.13 7.48
C GLY C 138 -28.25 4.39 7.66
N ALA C 139 -26.99 4.23 8.09
CA ALA C 139 -26.10 5.36 8.29
C ALA C 139 -25.83 6.11 6.97
N PRO C 140 -25.66 7.44 7.01
CA PRO C 140 -25.34 8.22 5.82
C PRO C 140 -23.85 8.08 5.46
N PRO C 141 -23.47 8.16 4.17
CA PRO C 141 -22.09 8.03 3.72
C PRO C 141 -21.11 9.00 4.39
N ILE C 142 -21.57 10.20 4.78
CA ILE C 142 -20.77 11.14 5.57
C ILE C 142 -20.26 10.48 6.85
N ALA C 143 -21.10 9.80 7.63
CA ALA C 143 -20.66 9.13 8.85
C ALA C 143 -19.65 8.02 8.54
N ILE C 144 -19.82 7.35 7.40
CA ILE C 144 -18.91 6.29 6.96
C ILE C 144 -17.49 6.82 6.76
N VAL C 145 -17.34 7.94 6.08
CA VAL C 145 -16.02 8.58 6.03
C VAL C 145 -15.63 9.18 7.38
N CYS C 146 -16.55 9.77 8.14
CA CYS C 146 -16.23 10.47 9.40
C CYS C 146 -15.53 9.60 10.43
N LYS C 147 -15.85 8.30 10.48
CA LYS C 147 -15.16 7.37 11.37
C LYS C 147 -14.76 6.07 10.69
N VAL C 148 -15.65 5.47 9.92
CA VAL C 148 -15.51 4.06 9.54
C VAL C 148 -14.28 3.80 8.67
N LEU C 149 -14.05 4.62 7.65
CA LEU C 149 -12.85 4.41 6.83
C LEU C 149 -11.56 4.59 7.62
N LEU C 150 -11.57 5.38 8.69
CA LEU C 150 -10.35 5.81 9.36
C LEU C 150 -9.80 4.78 10.33
N ASN C 151 -10.68 4.18 11.15
CA ASN C 151 -10.33 3.63 12.46
C ASN C 151 -9.10 2.72 12.44
N GLU C 152 -9.08 1.75 11.54
CA GLU C 152 -7.93 0.89 11.31
C GLU C 152 -6.96 1.45 10.25
N ALA C 153 -7.51 1.85 9.10
CA ALA C 153 -6.71 2.12 7.91
C ALA C 153 -5.73 3.27 8.08
N ARG C 154 -5.97 4.13 9.10
CA ARG C 154 -5.10 5.30 9.49
C ARG C 154 -3.64 4.89 9.72
N ALA C 155 -3.32 3.67 10.16
CA ALA C 155 -1.94 3.20 10.24
C ALA C 155 -1.29 3.02 8.85
N GLY C 156 -1.99 2.36 7.93
CA GLY C 156 -1.57 2.30 6.52
C GLY C 156 -1.41 3.70 5.92
N MET C 157 -2.21 4.67 6.35
CA MET C 157 -2.04 6.05 5.89
C MET C 157 -0.73 6.67 6.37
N VAL C 158 -0.30 6.41 7.60
CA VAL C 158 1.02 6.86 8.07
C VAL C 158 2.12 6.29 7.20
N SER C 159 2.00 5.00 6.87
CA SER C 159 2.92 4.37 5.92
C SER C 159 2.92 5.13 4.59
N SER C 160 1.74 5.36 4.02
CA SER C 160 1.58 6.11 2.77
C SER C 160 2.22 7.50 2.82
N ILE C 161 1.95 8.24 3.90
CA ILE C 161 2.54 9.55 4.12
C ILE C 161 4.07 9.44 4.15
N THR C 162 4.59 8.43 4.82
CA THR C 162 6.03 8.26 5.00
C THR C 162 6.70 8.04 3.65
N VAL C 163 6.21 7.09 2.86
CA VAL C 163 6.79 6.87 1.53
C VAL C 163 6.65 8.09 0.63
N LEU C 164 5.52 8.78 0.70
CA LEU C 164 5.30 9.99 -0.09
C LEU C 164 6.33 11.06 0.26
N ALA C 165 6.60 11.30 1.54
CA ALA C 165 7.56 12.31 1.97
C ALA C 165 8.94 12.02 1.37
N ILE C 166 9.37 10.76 1.49
CA ILE C 166 10.62 10.26 0.93
C ILE C 166 10.63 10.39 -0.59
N GLY C 167 9.50 10.15 -1.26
CA GLY C 167 9.40 10.35 -2.71
C GLY C 167 9.62 11.82 -3.12
N LEU C 168 8.94 12.74 -2.46
CA LEU C 168 9.05 14.17 -2.75
C LEU C 168 10.48 14.68 -2.52
N LEU C 169 11.21 14.10 -1.57
CA LEU C 169 12.62 14.40 -1.41
C LEU C 169 13.43 14.05 -2.67
N SER C 170 13.27 12.85 -3.23
CA SER C 170 13.99 12.49 -4.47
C SER C 170 13.63 13.44 -5.62
N TYR C 171 12.34 13.71 -5.82
CA TYR C 171 11.89 14.66 -6.89
C TYR C 171 12.49 16.06 -6.65
N SER C 172 12.63 16.47 -5.39
CA SER C 172 13.25 17.77 -5.05
C SER C 172 14.66 17.89 -5.60
N ALA C 173 15.41 16.79 -5.78
CA ALA C 173 16.69 16.85 -6.48
C ALA C 173 16.50 17.30 -7.94
N ALA C 174 15.54 16.71 -8.65
CA ALA C 174 15.28 17.02 -10.06
C ALA C 174 14.76 18.46 -10.26
N ALA C 175 13.79 18.90 -9.45
CA ALA C 175 13.40 20.30 -9.45
C ALA C 175 14.54 21.24 -9.02
N GLY C 176 15.44 20.78 -8.14
CA GLY C 176 16.67 21.46 -7.74
C GLY C 176 17.50 21.99 -8.91
N MET C 177 17.43 21.34 -10.08
CA MET C 177 18.07 21.79 -11.31
C MET C 177 17.45 23.10 -11.85
N ILE C 178 16.14 23.09 -12.11
CA ILE C 178 15.46 24.23 -12.83
C ILE C 178 15.05 25.33 -11.85
N GLY C 179 14.46 24.99 -10.70
CA GLY C 179 14.02 25.96 -9.70
C GLY C 179 15.18 26.43 -8.83
N GLY C 180 16.38 25.85 -8.97
CA GLY C 180 17.52 26.18 -8.09
C GLY C 180 17.13 25.84 -6.67
N GLY C 181 16.36 24.77 -6.49
CA GLY C 181 15.80 24.41 -5.17
C GLY C 181 16.66 23.59 -4.22
N GLY C 182 17.16 24.18 -3.14
CA GLY C 182 17.80 23.49 -2.01
C GLY C 182 18.97 22.56 -2.28
N LEU C 183 18.94 21.35 -1.72
CA LEU C 183 20.07 20.37 -1.79
C LEU C 183 20.20 19.76 -3.18
N GLY C 184 19.19 19.90 -4.06
CA GLY C 184 19.29 19.43 -5.45
C GLY C 184 20.24 20.34 -6.22
N ASP C 185 20.06 21.66 -6.10
CA ASP C 185 20.96 22.65 -6.70
C ASP C 185 22.40 22.50 -6.17
N LEU C 186 22.51 22.29 -4.86
CA LEU C 186 23.79 22.12 -4.18
C LEU C 186 24.58 20.91 -4.71
N ALA C 187 23.89 19.81 -5.00
CA ALA C 187 24.47 18.59 -5.57
C ALA C 187 24.80 18.72 -7.07
N ILE C 188 24.12 19.65 -7.75
CA ILE C 188 24.41 19.96 -9.18
C ILE C 188 25.66 20.84 -9.19
N ARG C 189 25.91 21.55 -8.09
CA ARG C 189 27.13 22.38 -7.96
C ARG C 189 28.26 21.48 -7.44
N TYR C 190 29.46 21.60 -8.02
CA TYR C 190 30.61 20.74 -7.62
C TYR C 190 30.21 19.28 -7.78
N GLY C 191 29.41 18.97 -8.82
CA GLY C 191 29.04 17.57 -9.10
C GLY C 191 29.43 17.16 -10.51
N TYR C 192 28.54 17.37 -11.48
CA TYR C 192 28.90 17.09 -12.90
C TYR C 192 29.93 18.12 -13.37
N TYR C 193 29.71 19.41 -13.05
CA TYR C 193 30.60 20.49 -13.53
C TYR C 193 32.00 20.40 -12.89
N ARG C 194 32.07 20.14 -11.59
CA ARG C 194 33.37 20.11 -10.87
C ARG C 194 33.36 18.91 -9.92
N TYR C 195 34.51 18.43 -9.47
CA TYR C 195 34.50 17.21 -8.62
C TYR C 195 35.12 17.50 -7.25
N GLN C 196 34.29 17.84 -6.25
CA GLN C 196 34.83 18.03 -4.90
C GLN C 196 34.33 16.91 -3.98
N THR C 197 35.01 15.77 -4.02
CA THR C 197 34.63 14.57 -3.26
C THR C 197 34.28 14.85 -1.80
N GLU C 198 34.97 15.78 -1.14
CA GLU C 198 34.75 16.15 0.26
C GLU C 198 33.32 16.64 0.50
N VAL C 199 32.83 17.59 -0.29
CA VAL C 199 31.49 18.11 -0.09
C VAL C 199 30.45 17.09 -0.56
N ILE C 200 30.79 16.19 -1.50
CA ILE C 200 29.92 15.05 -1.80
C ILE C 200 29.72 14.19 -0.55
N ILE C 201 30.80 13.76 0.10
CA ILE C 201 30.72 12.94 1.31
C ILE C 201 29.92 13.67 2.39
N PHE C 202 30.17 14.97 2.57
CA PHE C 202 29.38 15.78 3.50
C PHE C 202 27.89 15.78 3.12
N ILE C 203 27.53 16.00 1.85
CA ILE C 203 26.14 16.01 1.41
C ILE C 203 25.50 14.65 1.69
N VAL C 204 26.21 13.56 1.37
CA VAL C 204 25.75 12.19 1.63
C VAL C 204 25.44 12.00 3.11
N ALA C 205 26.35 12.37 4.01
CA ALA C 205 26.16 12.26 5.45
C ALA C 205 24.99 13.12 5.96
N LEU C 206 24.85 14.34 5.45
CA LEU C 206 23.76 15.25 5.79
C LEU C 206 22.41 14.65 5.39
N LEU C 207 22.31 14.10 4.17
CA LEU C 207 21.12 13.42 3.71
C LEU C 207 20.82 12.22 4.60
N VAL C 208 21.79 11.32 4.80
CA VAL C 208 21.69 10.12 5.65
C VAL C 208 21.00 10.41 6.97
N LEU C 209 21.37 11.49 7.65
CA LEU C 209 20.73 11.89 8.90
C LEU C 209 19.24 12.16 8.70
N LEU C 210 18.90 13.03 7.75
CA LEU C 210 17.51 13.38 7.44
C LEU C 210 16.68 12.13 7.14
N VAL C 211 17.22 11.20 6.36
CA VAL C 211 16.54 9.96 6.00
C VAL C 211 16.15 9.18 7.25
N ILE C 212 17.13 8.90 8.10
CA ILE C 212 16.91 8.10 9.30
C ILE C 212 15.84 8.77 10.17
N LEU C 213 15.93 10.08 10.35
CA LEU C 213 15.01 10.83 11.17
C LEU C 213 13.58 10.75 10.64
N ILE C 214 13.38 10.89 9.34
CA ILE C 214 12.08 10.78 8.71
C ILE C 214 11.50 9.38 8.93
N GLN C 215 12.17 8.33 8.45
CA GLN C 215 11.60 6.98 8.57
C GLN C 215 11.42 6.55 10.03
N SER C 216 12.31 6.94 10.94
CA SER C 216 12.14 6.63 12.37
C SER C 216 10.87 7.27 12.94
N THR C 217 10.58 8.51 12.53
CA THR C 217 9.37 9.22 12.92
C THR C 217 8.11 8.51 12.41
N GLY C 218 8.11 8.14 11.12
CA GLY C 218 7.00 7.40 10.53
C GLY C 218 6.75 6.06 11.22
N ASN C 219 7.82 5.28 11.42
CA ASN C 219 7.77 3.98 12.06
C ASN C 219 7.12 4.07 13.45
N ALA C 220 7.57 5.01 14.28
CA ALA C 220 7.04 5.21 15.62
C ALA C 220 5.55 5.57 15.60
N LEU C 221 5.13 6.51 14.75
CA LEU C 221 3.73 6.91 14.65
C LEU C 221 2.84 5.72 14.27
N ALA C 222 3.18 4.98 13.23
CA ALA C 222 2.40 3.83 12.80
C ALA C 222 2.33 2.76 13.90
N ARG C 223 3.44 2.49 14.59
CA ARG C 223 3.48 1.54 15.72
C ARG C 223 2.49 1.94 16.80
N LYS C 224 2.47 3.22 17.17
CA LYS C 224 1.66 3.73 18.28
C LYS C 224 0.18 3.86 17.97
N LEU C 225 -0.22 3.96 16.70
CA LEU C 225 -1.64 4.12 16.39
C LEU C 225 -2.49 2.88 16.70
N ASP C 226 -2.05 1.67 16.35
CA ASP C 226 -2.92 0.50 16.39
C ASP C 226 -3.47 0.18 17.81
N ILE D 25 -1.86 -38.42 29.79
CA ILE D 25 -1.51 -37.00 29.47
C ILE D 25 -1.57 -36.16 30.74
N ILE D 26 -0.54 -35.40 31.10
CA ILE D 26 -0.54 -34.65 32.36
C ILE D 26 0.09 -33.27 32.24
N LEU D 27 -0.38 -32.33 33.05
CA LEU D 27 0.41 -31.15 33.39
C LEU D 27 1.36 -31.49 34.53
N ASP D 28 2.54 -30.89 34.53
CA ASP D 28 3.23 -30.67 35.81
C ASP D 28 2.48 -29.53 36.53
N LYS D 29 2.58 -28.33 35.95
CA LYS D 29 2.03 -27.08 36.47
C LYS D 29 1.88 -26.13 35.31
N VAL D 30 0.98 -25.16 35.40
CA VAL D 30 0.99 -23.95 34.59
C VAL D 30 0.42 -22.77 35.37
N SER D 31 0.75 -21.56 34.93
CA SER D 31 0.12 -20.28 35.26
C SER D 31 0.56 -19.22 34.25
N LYS D 32 -0.16 -18.12 34.10
CA LYS D 32 0.27 -16.94 33.35
C LYS D 32 -0.48 -15.68 33.77
N HIS D 33 0.20 -14.55 33.93
CA HIS D 33 -0.29 -13.43 34.73
C HIS D 33 -0.01 -12.07 34.10
N TYR D 34 -0.90 -11.11 34.40
CA TYR D 34 -0.83 -9.80 33.72
C TYR D 34 -0.97 -8.61 34.67
N GLN D 35 -0.07 -7.64 34.56
CA GLN D 35 -0.03 -6.39 35.33
C GLN D 35 -1.25 -5.49 35.00
N THR D 36 -1.56 -4.50 35.84
CA THR D 36 -2.60 -3.52 35.50
C THR D 36 -2.25 -2.75 34.21
N ARG D 37 -3.22 -2.66 33.30
CA ARG D 37 -3.03 -2.15 31.93
C ARG D 37 -1.91 -2.85 31.13
N ASP D 38 -1.55 -4.08 31.51
CA ASP D 38 -0.89 -5.07 30.64
C ASP D 38 -1.90 -5.71 29.68
N LYS D 39 -3.12 -5.99 30.19
CA LYS D 39 -4.39 -6.17 29.46
C LYS D 39 -4.38 -7.08 28.21
N THR D 40 -3.97 -8.34 28.37
CA THR D 40 -4.40 -9.40 27.42
C THR D 40 -5.91 -9.66 27.58
N ARG D 41 -6.48 -10.58 26.77
CA ARG D 41 -7.94 -10.94 26.77
C ARG D 41 -8.53 -11.05 28.19
N PHE D 42 -7.84 -11.72 29.12
CA PHE D 42 -8.33 -11.95 30.49
C PHE D 42 -7.25 -11.73 31.56
N ALA D 43 -7.70 -11.55 32.80
CA ALA D 43 -6.85 -11.61 33.99
C ALA D 43 -6.20 -12.99 34.15
N ALA D 44 -5.30 -13.10 35.12
CA ALA D 44 -4.38 -14.21 35.26
C ALA D 44 -5.01 -15.62 35.30
N VAL D 45 -4.29 -16.56 34.70
CA VAL D 45 -4.48 -18.02 34.79
C VAL D 45 -3.58 -18.54 35.90
N GLU D 46 -4.16 -19.21 36.89
CA GLU D 46 -3.49 -19.50 38.15
C GLU D 46 -2.71 -20.82 38.14
N PRO D 47 -1.88 -21.07 39.18
CA PRO D 47 -1.28 -22.37 39.45
C PRO D 47 -2.29 -23.51 39.40
N THR D 48 -2.12 -24.40 38.42
CA THR D 48 -3.07 -25.47 38.09
C THR D 48 -2.37 -26.69 37.48
N SER D 49 -2.97 -27.87 37.63
CA SER D 49 -2.47 -29.14 37.09
C SER D 49 -3.59 -30.17 36.96
N LEU D 50 -3.49 -31.09 35.99
CA LEU D 50 -4.45 -32.17 35.75
C LEU D 50 -3.81 -33.37 35.06
N GLU D 51 -4.44 -34.53 35.22
CA GLU D 51 -4.19 -35.73 34.43
C GLU D 51 -5.43 -36.10 33.62
N ILE D 52 -5.32 -36.24 32.28
CA ILE D 52 -6.43 -36.71 31.40
C ILE D 52 -6.07 -38.14 30.98
N ARG D 53 -6.83 -39.16 31.38
CA ARG D 53 -6.47 -40.59 31.15
C ARG D 53 -6.64 -40.98 29.67
N ASP D 54 -6.04 -42.10 29.25
CA ASP D 54 -6.07 -42.57 27.83
C ASP D 54 -7.50 -42.99 27.45
N GLY D 55 -7.87 -42.87 26.16
CA GLY D 55 -9.22 -43.20 25.67
C GLY D 55 -10.31 -42.48 26.44
N GLU D 56 -10.13 -41.20 26.80
CA GLU D 56 -11.10 -40.46 27.64
C GLU D 56 -11.44 -39.07 27.09
N ILE D 57 -12.73 -38.72 27.08
CA ILE D 57 -13.21 -37.38 26.65
C ILE D 57 -13.21 -36.52 27.93
N PHE D 58 -12.56 -35.34 27.95
CA PHE D 58 -12.46 -34.48 29.17
C PHE D 58 -13.03 -33.09 28.91
N GLY D 59 -14.08 -32.67 29.59
CA GLY D 59 -14.78 -31.39 29.39
C GLY D 59 -14.32 -30.26 30.32
N LEU D 60 -14.41 -29.03 29.87
CA LEU D 60 -14.11 -27.81 30.63
C LEU D 60 -15.30 -26.87 30.58
N MET D 61 -15.70 -26.36 31.74
CA MET D 61 -16.98 -25.68 31.94
C MET D 61 -16.86 -24.54 32.96
N GLY D 62 -17.65 -23.48 32.84
CA GLY D 62 -17.58 -22.28 33.69
C GLY D 62 -17.96 -21.00 32.96
N TYR D 63 -18.22 -19.94 33.75
CA TYR D 63 -18.63 -18.62 33.19
C TYR D 63 -17.65 -18.14 32.12
N SER D 64 -18.06 -17.21 31.27
CA SER D 64 -17.24 -16.86 30.10
C SER D 64 -15.85 -16.26 30.34
N GLY D 65 -14.99 -16.45 29.33
CA GLY D 65 -13.76 -15.70 29.18
C GLY D 65 -12.68 -16.19 30.10
N ALA D 66 -12.44 -15.44 31.17
CA ALA D 66 -11.80 -15.85 32.42
C ALA D 66 -10.47 -16.61 32.31
N GLY D 67 -9.77 -16.54 31.17
CA GLY D 67 -8.66 -17.42 30.85
C GLY D 67 -9.09 -18.79 30.34
N LYS D 68 -10.30 -19.28 30.63
CA LYS D 68 -10.83 -20.55 30.11
C LYS D 68 -11.05 -20.53 28.61
N SER D 69 -11.49 -19.40 28.06
CA SER D 69 -11.53 -19.16 26.62
C SER D 69 -10.13 -19.13 25.99
N THR D 70 -9.08 -19.26 26.78
CA THR D 70 -7.68 -19.35 26.34
C THR D 70 -7.00 -20.64 26.76
N LEU D 71 -7.43 -21.25 27.86
CA LEU D 71 -6.60 -22.14 28.65
C LEU D 71 -5.99 -23.29 27.85
N LEU D 72 -6.78 -23.84 26.93
CA LEU D 72 -6.38 -24.94 26.07
C LEU D 72 -5.15 -24.61 25.20
N ARG D 73 -4.95 -23.35 24.81
CA ARG D 73 -3.72 -22.98 24.03
C ARG D 73 -2.45 -23.39 24.79
N LEU D 74 -2.44 -23.30 26.12
CA LEU D 74 -1.29 -23.61 26.95
C LEU D 74 -0.89 -25.07 26.79
N ILE D 75 -1.83 -25.96 26.52
CA ILE D 75 -1.57 -27.40 26.37
C ILE D 75 -0.72 -27.62 25.13
N ASN D 76 -1.09 -27.00 24.00
CA ASN D 76 -0.26 -27.05 22.80
C ASN D 76 0.92 -26.05 22.81
N LEU D 77 1.20 -25.45 23.97
CA LEU D 77 2.28 -24.49 24.21
C LEU D 77 2.22 -23.27 23.27
N LEU D 78 1.04 -22.94 22.76
CA LEU D 78 0.85 -21.83 21.83
C LEU D 78 0.87 -20.46 22.53
N GLU D 79 0.55 -20.45 23.82
CA GLU D 79 1.06 -19.46 24.74
C GLU D 79 2.13 -20.16 25.59
N ARG D 80 3.34 -19.61 25.70
CA ARG D 80 4.28 -20.07 26.74
C ARG D 80 3.85 -19.53 28.11
N PRO D 81 3.67 -20.37 29.13
CA PRO D 81 3.19 -19.94 30.44
C PRO D 81 4.25 -19.11 31.16
N ASP D 82 3.87 -18.41 32.21
CA ASP D 82 4.85 -17.86 33.14
C ASP D 82 5.48 -18.95 34.03
N SER D 83 4.83 -20.10 34.21
CA SER D 83 5.29 -21.14 35.14
C SER D 83 5.06 -22.55 34.62
N GLY D 84 5.77 -23.51 35.19
CA GLY D 84 5.44 -24.93 35.07
C GLY D 84 5.73 -25.56 33.70
N LYS D 85 5.28 -26.80 33.53
CA LYS D 85 5.69 -27.77 32.50
C LYS D 85 4.55 -28.74 32.18
N VAL D 86 4.62 -29.48 31.07
CA VAL D 86 3.54 -30.41 30.67
C VAL D 86 4.10 -31.61 29.93
N ASN D 87 3.55 -32.80 30.18
CA ASN D 87 3.89 -34.04 29.46
C ASN D 87 2.72 -34.55 28.62
N VAL D 88 3.02 -34.88 27.37
CA VAL D 88 2.04 -35.39 26.41
C VAL D 88 2.65 -36.57 25.64
N CYS D 89 1.99 -37.73 25.68
CA CYS D 89 2.47 -39.00 25.14
C CYS D 89 3.95 -39.27 25.46
N GLY D 90 4.26 -39.25 26.75
CA GLY D 90 5.61 -39.27 27.30
C GLY D 90 6.26 -37.89 27.34
N GLN D 91 6.52 -37.26 26.20
CA GLN D 91 7.42 -36.11 26.12
C GLN D 91 6.95 -34.91 26.94
N GLU D 92 7.85 -34.39 27.79
CA GLU D 92 7.70 -33.05 28.33
C GLU D 92 7.93 -32.04 27.20
N LEU D 93 7.02 -31.07 27.05
CA LEU D 93 7.03 -30.19 25.89
C LEU D 93 7.81 -28.90 26.09
N THR D 94 7.77 -28.28 27.26
CA THR D 94 8.31 -26.92 27.44
C THR D 94 9.82 -26.84 27.21
N ALA D 95 10.56 -27.91 27.49
CA ALA D 95 11.99 -27.98 27.22
C ALA D 95 12.37 -28.12 25.73
N LEU D 96 11.44 -28.48 24.85
CA LEU D 96 11.78 -28.85 23.46
C LEU D 96 12.32 -27.70 22.63
N ASP D 97 13.28 -28.00 21.76
CA ASP D 97 13.67 -27.12 20.65
C ASP D 97 12.55 -27.05 19.60
N ALA D 98 12.47 -25.94 18.87
CA ALA D 98 11.40 -25.65 17.92
C ALA D 98 11.25 -26.72 16.83
N ALA D 99 12.35 -27.23 16.29
CA ALA D 99 12.29 -28.25 15.26
C ALA D 99 11.75 -29.58 15.81
N ALA D 100 12.04 -29.98 17.05
CA ALA D 100 11.36 -31.11 17.68
C ALA D 100 9.89 -30.80 17.96
N LEU D 101 9.60 -29.59 18.42
CA LEU D 101 8.25 -29.14 18.73
C LEU D 101 7.32 -29.27 17.53
N ARG D 102 7.84 -29.19 16.29
CA ARG D 102 7.07 -29.46 15.07
C ARG D 102 6.34 -30.80 15.10
N GLN D 103 7.00 -31.88 15.52
CA GLN D 103 6.37 -33.20 15.50
C GLN D 103 5.33 -33.34 16.62
N ALA D 104 5.62 -32.76 17.78
CA ALA D 104 4.63 -32.66 18.85
C ALA D 104 3.40 -31.91 18.34
N ARG D 105 3.59 -30.73 17.74
CA ARG D 105 2.55 -29.96 17.08
C ARG D 105 1.80 -30.81 16.05
N GLN D 106 2.48 -31.52 15.16
CA GLN D 106 1.85 -32.32 14.10
C GLN D 106 0.93 -33.44 14.64
N ASN D 107 1.30 -34.11 15.72
CA ASN D 107 0.55 -35.25 16.26
C ASN D 107 -0.66 -34.87 17.15
N ILE D 108 -0.76 -33.60 17.54
CA ILE D 108 -1.86 -33.10 18.38
C ILE D 108 -2.77 -32.21 17.54
N GLY D 109 -4.05 -32.56 17.42
CA GLY D 109 -5.01 -31.84 16.59
C GLY D 109 -5.76 -30.76 17.37
N MET D 110 -6.12 -29.67 16.70
CA MET D 110 -6.98 -28.67 17.33
C MET D 110 -7.91 -27.95 16.36
N VAL D 111 -9.02 -27.48 16.90
CA VAL D 111 -10.08 -26.71 16.24
C VAL D 111 -10.64 -25.67 17.20
N PHE D 112 -11.23 -24.59 16.67
CA PHE D 112 -11.28 -23.28 17.32
C PHE D 112 -12.60 -22.51 17.21
N GLN D 113 -12.77 -21.52 18.08
CA GLN D 113 -13.89 -20.57 18.16
C GLN D 113 -14.13 -19.81 16.85
N GLN D 114 -13.09 -19.63 16.04
CA GLN D 114 -13.17 -19.07 14.69
C GLN D 114 -12.52 -19.95 13.64
N PHE D 115 -12.92 -19.76 12.38
CA PHE D 115 -12.67 -20.73 11.32
C PHE D 115 -11.27 -20.69 10.70
N ASN D 116 -10.50 -19.62 10.89
CA ASN D 116 -9.04 -19.64 10.83
C ASN D 116 -8.48 -20.39 9.61
N LEU D 117 -8.78 -19.93 8.40
CA LEU D 117 -8.48 -20.66 7.16
C LEU D 117 -7.91 -19.79 6.05
N LEU D 118 -7.34 -20.45 5.04
CA LEU D 118 -6.74 -19.82 3.87
C LEU D 118 -7.84 -19.41 2.89
N SER D 119 -8.24 -18.14 2.92
CA SER D 119 -9.26 -17.54 2.07
C SER D 119 -9.14 -17.96 0.60
N ASN D 120 -7.95 -17.88 0.03
CA ASN D 120 -7.77 -17.90 -1.41
C ASN D 120 -7.45 -19.31 -1.96
N ARG D 121 -7.71 -20.36 -1.15
CA ARG D 121 -7.62 -21.78 -1.57
C ARG D 121 -9.02 -22.38 -1.31
N THR D 122 -9.45 -23.41 -2.05
CA THR D 122 -10.80 -23.99 -1.88
C THR D 122 -10.96 -24.71 -0.54
N VAL D 123 -12.19 -25.09 -0.23
CA VAL D 123 -12.53 -25.91 0.92
C VAL D 123 -11.73 -27.21 0.93
N ALA D 124 -11.82 -28.01 -0.14
CA ALA D 124 -11.06 -29.25 -0.23
C ALA D 124 -9.58 -29.01 -0.02
N ASP D 125 -9.10 -27.88 -0.52
CA ASP D 125 -7.69 -27.51 -0.43
C ASP D 125 -7.29 -27.07 0.97
N ASN D 126 -8.16 -26.35 1.67
CA ASN D 126 -7.98 -26.10 3.09
C ASN D 126 -7.90 -27.42 3.86
N VAL D 127 -8.72 -28.40 3.48
CA VAL D 127 -8.69 -29.72 4.10
C VAL D 127 -7.38 -30.47 3.76
N ALA D 128 -6.85 -30.33 2.55
CA ALA D 128 -5.55 -30.89 2.18
C ALA D 128 -4.36 -30.26 2.93
N PHE D 129 -4.45 -28.99 3.31
CA PHE D 129 -3.32 -28.22 3.82
C PHE D 129 -2.49 -28.86 4.93
N PRO D 130 -3.04 -29.33 6.06
CA PRO D 130 -2.23 -29.97 7.08
C PRO D 130 -1.54 -31.23 6.56
N LEU D 131 -2.12 -31.90 5.57
CA LEU D 131 -1.58 -33.13 5.01
C LEU D 131 -0.43 -32.84 4.07
N GLU D 132 -0.43 -31.67 3.44
CA GLU D 132 0.74 -31.15 2.76
C GLU D 132 1.89 -30.97 3.76
N ILE D 133 1.59 -30.48 4.96
CA ILE D 133 2.55 -30.32 6.05
C ILE D 133 2.98 -31.67 6.64
N ALA D 134 2.10 -32.68 6.60
CA ALA D 134 2.45 -34.07 6.91
C ALA D 134 3.44 -34.69 5.92
N GLY D 135 3.62 -34.09 4.74
CA GLY D 135 4.48 -34.63 3.68
C GLY D 135 3.97 -35.95 3.12
N TRP D 136 2.66 -36.21 3.27
CA TRP D 136 2.04 -37.42 2.76
C TRP D 136 2.11 -37.51 1.23
N PRO D 137 2.17 -38.72 0.67
CA PRO D 137 2.05 -38.94 -0.77
C PRO D 137 0.78 -38.31 -1.36
N SER D 138 0.87 -37.84 -2.60
CA SER D 138 -0.22 -37.08 -3.26
C SER D 138 -1.54 -37.85 -3.22
N GLU D 139 -1.52 -39.12 -3.59
CA GLU D 139 -2.67 -40.02 -3.50
C GLU D 139 -3.11 -40.27 -2.05
N LYS D 140 -2.20 -40.31 -1.07
CA LYS D 140 -2.58 -40.42 0.35
C LYS D 140 -3.35 -39.17 0.77
N ILE D 141 -2.90 -37.98 0.40
CA ILE D 141 -3.63 -36.74 0.65
C ILE D 141 -5.00 -36.82 -0.02
N LYS D 142 -5.05 -37.11 -1.32
CA LYS D 142 -6.31 -37.18 -2.09
C LYS D 142 -7.29 -38.16 -1.46
N ALA D 143 -6.84 -39.36 -1.12
CA ALA D 143 -7.67 -40.35 -0.47
C ALA D 143 -8.17 -39.85 0.89
N ARG D 144 -7.24 -39.39 1.73
CA ARG D 144 -7.61 -38.90 3.09
C ARG D 144 -8.59 -37.73 3.00
N VAL D 145 -8.38 -36.77 2.10
CA VAL D 145 -9.36 -35.68 1.96
C VAL D 145 -10.70 -36.26 1.51
N LYS D 146 -10.75 -37.11 0.49
CA LYS D 146 -12.02 -37.73 0.07
C LYS D 146 -12.67 -38.49 1.23
N GLU D 147 -11.90 -39.22 2.01
CA GLU D 147 -12.38 -39.89 3.22
C GLU D 147 -12.98 -38.89 4.20
N CYS D 148 -12.20 -37.92 4.62
CA CYS D 148 -12.63 -37.02 5.69
C CYS D 148 -13.79 -36.12 5.25
N LEU D 149 -13.77 -35.65 4.00
CA LEU D 149 -14.88 -34.96 3.37
C LEU D 149 -16.13 -35.81 3.37
N GLU D 150 -16.01 -37.10 3.08
CA GLU D 150 -17.15 -37.99 3.04
C GLU D 150 -17.63 -38.32 4.45
N ILE D 151 -16.73 -38.46 5.42
CA ILE D 151 -17.09 -38.69 6.81
C ILE D 151 -17.97 -37.55 7.31
N VAL D 152 -17.66 -36.32 6.95
CA VAL D 152 -18.50 -35.17 7.25
C VAL D 152 -19.55 -34.88 6.17
N GLY D 153 -19.60 -35.67 5.11
CA GLY D 153 -20.47 -35.55 3.94
C GLY D 153 -20.14 -34.43 2.94
N LEU D 154 -19.35 -33.43 3.31
CA LEU D 154 -19.19 -32.21 2.53
C LEU D 154 -18.37 -32.33 1.25
N THR D 155 -17.96 -33.54 0.88
CA THR D 155 -17.53 -33.86 -0.48
C THR D 155 -18.47 -33.31 -1.54
N GLU D 156 -19.77 -33.25 -1.25
CA GLU D 156 -20.80 -32.72 -2.16
C GLU D 156 -20.67 -31.23 -2.52
N ARG D 157 -19.95 -30.42 -1.73
CA ARG D 157 -19.60 -29.01 -2.05
C ARG D 157 -18.21 -28.64 -1.52
N ALA D 158 -17.21 -29.41 -1.90
CA ALA D 158 -15.82 -29.23 -1.48
C ALA D 158 -14.95 -28.40 -2.45
N GLY D 159 -15.32 -28.29 -3.72
CA GLY D 159 -14.68 -27.46 -4.74
C GLY D 159 -15.08 -25.98 -4.64
N HIS D 160 -15.09 -25.44 -3.43
CA HIS D 160 -15.87 -24.27 -3.05
C HIS D 160 -15.06 -23.27 -2.23
N TYR D 161 -15.60 -22.06 -2.07
CA TYR D 161 -14.96 -20.92 -1.41
C TYR D 161 -15.83 -20.35 -0.28
N PRO D 162 -15.24 -19.68 0.73
CA PRO D 162 -15.93 -19.36 1.99
C PRO D 162 -17.16 -18.48 1.85
N ALA D 163 -17.22 -17.63 0.82
CA ALA D 163 -18.42 -16.80 0.55
C ALA D 163 -19.57 -17.70 0.09
N GLN D 164 -19.27 -18.79 -0.64
CA GLN D 164 -20.29 -19.71 -1.21
C GLN D 164 -21.06 -20.50 -0.13
N LEU D 165 -20.44 -20.86 1.01
CA LEU D 165 -21.08 -21.73 2.04
C LEU D 165 -21.21 -21.02 3.39
N SER D 166 -21.90 -21.63 4.37
CA SER D 166 -22.07 -21.05 5.72
C SER D 166 -21.23 -21.66 6.86
N GLY D 167 -21.31 -21.03 8.03
CA GLY D 167 -20.65 -21.45 9.27
C GLY D 167 -20.79 -22.93 9.61
N GLY D 168 -21.96 -23.52 9.38
CA GLY D 168 -22.20 -24.95 9.64
C GLY D 168 -21.25 -25.85 8.85
N GLN D 169 -21.12 -25.57 7.56
CA GLN D 169 -20.17 -26.22 6.69
C GLN D 169 -18.75 -25.99 7.23
N LYS D 170 -18.44 -24.75 7.58
CA LYS D 170 -17.13 -24.33 8.05
C LYS D 170 -16.73 -25.02 9.36
N GLN D 171 -17.69 -25.36 10.23
CA GLN D 171 -17.44 -26.23 11.38
C GLN D 171 -16.92 -27.58 10.92
N ARG D 172 -17.67 -28.23 10.03
CA ARG D 172 -17.26 -29.52 9.46
C ARG D 172 -15.90 -29.44 8.78
N VAL D 173 -15.57 -28.31 8.15
CA VAL D 173 -14.24 -28.08 7.60
C VAL D 173 -13.18 -28.10 8.70
N GLY D 174 -13.39 -27.38 9.80
CA GLY D 174 -12.48 -27.46 10.95
C GLY D 174 -12.31 -28.90 11.43
N ILE D 175 -13.42 -29.59 11.68
CA ILE D 175 -13.43 -30.96 12.18
C ILE D 175 -12.61 -31.88 11.29
N ALA D 176 -12.92 -31.92 10.01
CA ALA D 176 -12.18 -32.73 9.05
C ALA D 176 -10.69 -32.39 9.02
N ARG D 177 -10.40 -31.08 9.01
CA ARG D 177 -8.98 -30.60 9.01
C ARG D 177 -8.27 -31.18 10.24
N ALA D 178 -8.87 -31.07 11.43
CA ALA D 178 -8.26 -31.68 12.60
C ALA D 178 -8.15 -33.20 12.50
N LEU D 179 -9.18 -33.84 11.94
CA LEU D 179 -9.35 -35.29 11.95
C LEU D 179 -8.34 -36.02 11.08
N ALA D 180 -8.23 -35.58 9.84
CA ALA D 180 -7.56 -36.32 8.78
C ALA D 180 -6.15 -36.84 9.10
N PRO D 181 -5.24 -36.12 9.77
CA PRO D 181 -3.88 -36.59 9.95
C PRO D 181 -3.73 -37.70 11.00
N LYS D 182 -4.83 -38.31 11.48
CA LYS D 182 -4.84 -39.34 12.53
C LYS D 182 -4.04 -38.90 13.77
N PRO D 183 -4.25 -37.69 14.31
CA PRO D 183 -3.54 -37.24 15.51
C PRO D 183 -3.82 -38.17 16.70
N GLN D 184 -2.92 -38.26 17.68
CA GLN D 184 -3.14 -39.08 18.89
C GLN D 184 -3.93 -38.35 20.00
N VAL D 185 -4.12 -37.03 19.89
CA VAL D 185 -4.94 -36.24 20.81
C VAL D 185 -5.67 -35.19 20.00
N ILE D 186 -6.91 -34.84 20.34
CA ILE D 186 -7.61 -33.68 19.73
C ILE D 186 -7.82 -32.73 20.90
N LEU D 187 -7.81 -31.42 20.68
CA LEU D 187 -7.99 -30.40 21.75
C LEU D 187 -9.10 -29.47 21.27
N ALA D 188 -10.33 -29.98 21.19
CA ALA D 188 -11.46 -29.20 20.64
C ALA D 188 -11.69 -27.93 21.47
N ASP D 189 -12.00 -26.80 20.83
CA ASP D 189 -12.34 -25.54 21.53
C ASP D 189 -13.75 -25.18 21.08
N GLU D 190 -14.76 -25.90 21.59
CA GLU D 190 -16.20 -25.70 21.26
C GLU D 190 -16.48 -25.71 19.75
N PRO D 191 -15.87 -26.56 18.90
CA PRO D 191 -16.21 -26.60 17.47
C PRO D 191 -17.60 -27.21 17.23
N THR D 192 -17.90 -28.33 17.90
CA THR D 192 -19.19 -29.06 17.70
C THR D 192 -20.26 -28.37 18.54
N SER D 193 -19.86 -27.77 19.67
CA SER D 193 -20.77 -27.02 20.57
C SER D 193 -21.16 -25.71 19.90
N ALA D 194 -20.40 -25.22 18.91
CA ALA D 194 -20.66 -23.88 18.33
C ALA D 194 -22.03 -23.78 17.64
N LEU D 195 -22.50 -24.87 17.04
CA LEU D 195 -23.81 -24.90 16.35
C LEU D 195 -24.94 -24.92 17.39
N ASP D 196 -26.18 -24.66 16.95
CA ASP D 196 -27.34 -24.74 17.88
C ASP D 196 -27.58 -26.22 18.20
N PRO D 197 -28.21 -26.57 19.34
CA PRO D 197 -28.36 -27.98 19.73
C PRO D 197 -29.08 -28.85 18.67
N ALA D 198 -30.12 -28.34 18.02
CA ALA D 198 -30.83 -29.21 17.04
C ALA D 198 -29.87 -29.61 15.92
N THR D 199 -29.11 -28.65 15.38
CA THR D 199 -28.08 -28.97 14.34
C THR D 199 -26.98 -29.83 14.99
N THR D 200 -26.67 -29.57 16.25
CA THR D 200 -25.57 -30.30 16.95
C THR D 200 -25.90 -31.79 17.05
N ARG D 201 -27.18 -32.15 17.16
CA ARG D 201 -27.52 -33.58 17.35
C ARG D 201 -26.98 -34.40 16.17
N SER D 202 -27.16 -33.92 14.93
CA SER D 202 -26.69 -34.67 13.79
C SER D 202 -25.16 -34.73 13.74
N VAL D 203 -24.40 -33.73 14.20
CA VAL D 203 -22.93 -33.82 14.18
C VAL D 203 -22.32 -34.55 15.37
N LEU D 204 -22.86 -34.48 16.59
CA LEU D 204 -22.21 -35.09 17.77
C LEU D 204 -21.96 -36.58 17.60
N GLU D 205 -22.88 -37.23 16.91
CA GLU D 205 -22.83 -38.62 16.48
C GLU D 205 -21.49 -39.00 15.82
N CYS D 206 -20.87 -38.06 15.11
CA CYS D 206 -19.57 -38.27 14.50
C CYS D 206 -18.47 -38.50 15.53
N LEU D 207 -18.35 -37.60 16.52
CA LEU D 207 -17.26 -37.62 17.49
C LEU D 207 -17.25 -38.89 18.32
N GLU D 208 -18.44 -39.42 18.60
CA GLU D 208 -18.59 -40.66 19.35
C GLU D 208 -17.89 -41.82 18.66
N ASP D 209 -18.10 -41.95 17.35
CA ASP D 209 -17.45 -42.98 16.56
C ASP D 209 -15.93 -42.81 16.55
N ILE D 210 -15.47 -41.58 16.33
CA ILE D 210 -14.04 -41.25 16.30
C ILE D 210 -13.37 -41.64 17.61
N ASN D 211 -13.99 -41.35 18.75
CA ASN D 211 -13.43 -41.75 20.02
C ASN D 211 -13.44 -43.27 20.18
N LYS D 212 -14.59 -43.92 20.00
CA LYS D 212 -14.69 -45.38 20.25
C LYS D 212 -13.57 -46.10 19.50
N ARG D 213 -13.47 -45.89 18.18
CA ARG D 213 -12.48 -46.61 17.32
C ARG D 213 -11.02 -46.27 17.63
N PHE D 214 -10.66 -45.00 17.82
CA PHE D 214 -9.24 -44.56 17.92
C PHE D 214 -8.80 -44.08 19.31
N ASN D 215 -9.64 -44.11 20.35
CA ASN D 215 -9.22 -43.71 21.72
C ASN D 215 -8.53 -42.35 21.59
N VAL D 216 -9.20 -41.36 20.99
CA VAL D 216 -8.57 -40.04 20.66
C VAL D 216 -8.26 -39.18 21.90
N THR D 217 -8.78 -39.48 23.08
CA THR D 217 -8.57 -38.63 24.30
C THR D 217 -8.97 -37.19 23.98
N ILE D 218 -10.19 -36.95 23.49
CA ILE D 218 -10.62 -35.59 23.01
C ILE D 218 -10.93 -34.66 24.20
N VAL D 219 -10.30 -33.48 24.28
CA VAL D 219 -10.58 -32.45 25.32
C VAL D 219 -11.37 -31.27 24.76
N ILE D 220 -12.45 -30.87 25.44
CA ILE D 220 -13.45 -29.92 24.91
C ILE D 220 -13.75 -28.81 25.91
N VAL D 221 -13.86 -27.57 25.44
CA VAL D 221 -14.43 -26.46 26.24
C VAL D 221 -15.90 -26.20 25.87
N THR D 222 -16.67 -25.78 26.86
CA THR D 222 -18.09 -25.44 26.72
C THR D 222 -18.54 -24.43 27.79
N HIS D 223 -19.75 -23.89 27.55
CA HIS D 223 -20.51 -23.02 28.49
C HIS D 223 -21.96 -23.58 28.55
N GLU D 224 -22.25 -24.79 28.00
CA GLU D 224 -23.54 -25.47 27.97
C GLU D 224 -23.44 -26.86 28.59
N MET D 225 -24.33 -27.18 29.53
CA MET D 225 -24.37 -28.43 30.29
C MET D 225 -24.86 -29.63 29.48
N SER D 226 -25.83 -29.39 28.61
CA SER D 226 -26.63 -30.40 27.90
C SER D 226 -25.74 -31.33 27.08
N VAL D 227 -24.78 -30.73 26.38
CA VAL D 227 -23.82 -31.45 25.53
C VAL D 227 -22.94 -32.35 26.36
N ILE D 228 -22.51 -31.89 27.54
CA ILE D 228 -21.65 -32.66 28.44
C ILE D 228 -22.39 -33.91 28.87
N ARG D 229 -23.62 -33.75 29.36
CA ARG D 229 -24.43 -34.87 29.86
C ARG D 229 -24.71 -35.91 28.79
N ARG D 230 -24.71 -35.45 27.53
CA ARG D 230 -24.97 -36.38 26.41
C ARG D 230 -23.67 -36.80 25.71
N LEU D 231 -22.49 -36.49 26.26
CA LEU D 231 -21.29 -36.93 25.53
C LEU D 231 -20.09 -37.38 26.37
N CYS D 232 -19.79 -36.68 27.46
CA CYS D 232 -18.43 -36.66 28.01
C CYS D 232 -18.19 -37.67 29.14
N ASP D 233 -16.97 -37.70 29.70
CA ASP D 233 -16.59 -38.63 30.78
C ASP D 233 -16.39 -37.92 32.13
N ARG D 234 -15.49 -36.93 32.17
CA ARG D 234 -15.24 -36.05 33.32
C ARG D 234 -15.26 -34.59 32.91
N ALA D 235 -15.71 -33.74 33.82
CA ALA D 235 -15.81 -32.31 33.63
C ALA D 235 -15.03 -31.56 34.70
N ALA D 236 -14.11 -30.70 34.30
CA ALA D 236 -13.65 -29.60 35.13
C ALA D 236 -14.61 -28.41 35.01
N LEU D 237 -15.17 -27.99 36.13
CA LEU D 237 -15.96 -26.79 36.34
C LEU D 237 -15.03 -25.71 36.89
N LEU D 238 -15.20 -24.44 36.52
CA LEU D 238 -14.12 -23.44 36.55
C LEU D 238 -14.62 -22.03 36.86
N ASP D 239 -13.76 -21.21 37.47
CA ASP D 239 -13.86 -19.74 37.49
C ASP D 239 -12.50 -19.08 37.84
N LYS D 240 -12.30 -17.80 37.51
CA LYS D 240 -11.14 -16.97 37.93
C LYS D 240 -9.78 -17.64 37.72
N GLY D 241 -9.58 -18.19 36.53
CA GLY D 241 -8.36 -18.90 36.18
C GLY D 241 -8.10 -20.17 37.00
N LYS D 242 -9.13 -20.75 37.63
CA LYS D 242 -9.00 -21.85 38.61
C LYS D 242 -10.22 -22.78 38.61
N VAL D 243 -10.06 -23.95 39.21
CA VAL D 243 -11.08 -24.98 39.30
C VAL D 243 -12.15 -24.64 40.33
N VAL D 244 -13.40 -24.83 39.98
CA VAL D 244 -14.55 -24.97 40.89
C VAL D 244 -14.65 -26.42 41.38
N GLU D 245 -14.70 -27.39 40.48
CA GLU D 245 -14.75 -28.83 40.79
C GLU D 245 -14.20 -29.64 39.61
N ILE D 246 -13.83 -30.91 39.83
CA ILE D 246 -13.82 -31.93 38.76
C ILE D 246 -14.85 -32.99 39.10
N VAL D 247 -15.68 -33.36 38.13
CA VAL D 247 -16.85 -34.17 38.35
C VAL D 247 -16.95 -35.26 37.30
N GLU D 248 -17.41 -36.44 37.69
CA GLU D 248 -17.79 -37.45 36.72
C GLU D 248 -19.16 -37.16 36.10
N VAL D 249 -19.22 -37.20 34.76
CA VAL D 249 -20.50 -37.00 34.00
C VAL D 249 -21.03 -38.38 33.58
N ARG D 250 -20.48 -39.47 34.13
CA ARG D 250 -20.87 -40.85 33.72
C ARG D 250 -22.32 -41.13 34.14
N GLY D 251 -23.05 -41.95 33.37
CA GLY D 251 -24.48 -42.21 33.62
C GLY D 251 -25.33 -41.09 33.09
N ASN D 252 -24.75 -40.18 32.28
CA ASN D 252 -25.44 -38.97 31.76
C ASN D 252 -25.83 -38.11 32.95
N GLN D 253 -25.10 -38.26 34.07
CA GLN D 253 -25.39 -37.52 35.32
C GLN D 253 -24.09 -36.90 35.83
N ILE D 254 -24.07 -35.59 36.10
CA ILE D 254 -22.87 -34.89 36.64
C ILE D 254 -23.05 -34.96 38.15
N HIS D 255 -22.18 -35.69 38.85
CA HIS D 255 -22.26 -35.88 40.32
C HIS D 255 -21.46 -34.76 40.99
N ALA D 256 -21.93 -33.52 40.93
CA ALA D 256 -21.27 -32.39 41.57
C ALA D 256 -21.54 -32.31 43.08
N GLN D 257 -20.78 -31.49 43.82
CA GLN D 257 -20.90 -31.28 45.26
C GLN D 257 -21.00 -29.80 45.70
N SER D 258 -20.62 -28.81 44.89
CA SER D 258 -20.68 -27.40 45.30
C SER D 258 -21.92 -26.69 44.75
N ASP D 259 -22.36 -25.64 45.42
CA ASP D 259 -23.46 -24.82 44.93
C ASP D 259 -23.12 -24.08 43.64
N ILE D 260 -21.87 -23.67 43.47
CA ILE D 260 -21.43 -23.09 42.21
C ILE D 260 -21.59 -24.13 41.10
N GLY D 261 -21.18 -25.37 41.35
CA GLY D 261 -21.44 -26.47 40.44
C GLY D 261 -22.93 -26.63 40.16
N ARG D 262 -23.77 -26.54 41.18
CA ARG D 262 -25.23 -26.58 40.99
C ARG D 262 -25.76 -25.43 40.15
N GLU D 263 -25.23 -24.23 40.28
CA GLU D 263 -25.60 -23.11 39.41
C GLU D 263 -25.21 -23.38 37.97
N LEU D 264 -24.00 -23.89 37.76
CA LEU D 264 -23.52 -24.23 36.43
C LEU D 264 -24.41 -25.33 35.81
N ILE D 265 -24.95 -26.25 36.62
CA ILE D 265 -25.86 -27.29 36.16
C ILE D 265 -27.27 -26.73 35.89
N ARG D 266 -27.94 -26.16 36.90
CA ARG D 266 -29.28 -25.55 36.75
C ARG D 266 -30.24 -26.56 36.09
N MET E 24 -48.07 -3.94 12.93
CA MET E 24 -47.85 -5.33 12.43
C MET E 24 -46.68 -5.41 11.45
N ILE E 25 -46.16 -6.62 11.20
CA ILE E 25 -45.33 -6.91 10.03
C ILE E 25 -46.11 -7.82 9.08
N ILE E 26 -46.03 -7.56 7.78
CA ILE E 26 -46.50 -8.46 6.73
C ILE E 26 -45.35 -8.74 5.76
N LEU E 27 -45.12 -10.02 5.54
CA LEU E 27 -44.12 -10.61 4.69
C LEU E 27 -44.85 -11.20 3.50
N ASP E 28 -44.41 -10.94 2.27
CA ASP E 28 -45.30 -11.09 1.13
C ASP E 28 -44.56 -11.60 -0.11
N LYS E 29 -44.78 -12.86 -0.49
CA LYS E 29 -44.31 -13.56 -1.72
C LYS E 29 -42.82 -13.38 -2.02
N VAL E 30 -42.01 -13.18 -1.01
CA VAL E 30 -40.60 -12.80 -1.11
C VAL E 30 -39.77 -13.93 -1.75
N SER E 31 -38.86 -13.61 -2.67
CA SER E 31 -37.94 -14.60 -3.33
C SER E 31 -36.54 -14.02 -3.56
N LYS E 32 -35.56 -14.84 -3.94
CA LYS E 32 -34.22 -14.36 -4.38
C LYS E 32 -33.69 -15.42 -5.35
N HIS E 33 -34.25 -15.53 -6.55
CA HIS E 33 -33.81 -16.51 -7.57
C HIS E 33 -32.41 -16.11 -8.03
N TYR E 34 -31.51 -17.07 -8.26
CA TYR E 34 -30.09 -16.80 -8.65
C TYR E 34 -29.84 -17.28 -10.08
N GLN E 35 -28.61 -17.67 -10.44
CA GLN E 35 -28.24 -18.08 -11.82
C GLN E 35 -28.25 -19.60 -11.93
N THR E 36 -28.01 -20.15 -13.13
CA THR E 36 -27.90 -21.62 -13.34
C THR E 36 -26.69 -22.13 -12.55
N ARG E 37 -25.58 -21.39 -12.58
CA ARG E 37 -24.37 -21.75 -11.79
C ARG E 37 -24.74 -21.69 -10.32
N ASP E 38 -25.54 -20.70 -9.91
CA ASP E 38 -26.00 -20.55 -8.52
C ASP E 38 -24.77 -20.54 -7.62
N LYS E 39 -23.76 -19.72 -7.94
CA LYS E 39 -22.46 -19.65 -7.21
C LYS E 39 -22.52 -18.55 -6.15
N THR E 40 -23.71 -18.04 -5.81
CA THR E 40 -23.89 -16.93 -4.84
C THR E 40 -23.85 -17.49 -3.43
N ARG E 41 -24.17 -16.69 -2.40
CA ARG E 41 -24.05 -17.11 -0.97
C ARG E 41 -24.88 -18.38 -0.70
N PHE E 42 -26.07 -18.53 -1.28
CA PHE E 42 -26.89 -19.76 -1.10
C PHE E 42 -27.71 -20.15 -2.33
N ALA E 43 -28.40 -21.31 -2.29
CA ALA E 43 -29.30 -21.81 -3.34
C ALA E 43 -30.55 -20.92 -3.40
N ALA E 44 -31.18 -20.81 -4.58
CA ALA E 44 -32.38 -19.96 -4.79
C ALA E 44 -33.41 -20.13 -3.66
N VAL E 45 -34.14 -19.06 -3.32
CA VAL E 45 -35.17 -19.08 -2.26
C VAL E 45 -36.53 -18.58 -2.76
N GLU E 46 -37.57 -19.32 -2.38
CA GLU E 46 -38.88 -19.37 -3.02
C GLU E 46 -39.88 -18.31 -2.55
N PRO E 47 -40.91 -17.97 -3.36
CA PRO E 47 -41.87 -16.91 -3.03
C PRO E 47 -42.62 -17.23 -1.74
N THR E 48 -42.46 -16.40 -0.70
CA THR E 48 -42.97 -16.75 0.65
C THR E 48 -43.60 -15.57 1.41
N SER E 49 -44.65 -15.83 2.19
CA SER E 49 -45.50 -14.84 2.86
C SER E 49 -45.90 -15.23 4.29
N LEU E 50 -46.02 -14.28 5.22
CA LEU E 50 -46.36 -14.44 6.64
C LEU E 50 -46.88 -13.10 7.22
N GLU E 51 -47.47 -13.15 8.42
CA GLU E 51 -47.92 -11.92 9.12
C GLU E 51 -47.51 -12.01 10.61
N ILE E 52 -46.89 -10.96 11.14
CA ILE E 52 -46.44 -10.93 12.57
C ILE E 52 -47.18 -9.80 13.29
N ARG E 53 -47.61 -10.01 14.54
CA ARG E 53 -48.47 -8.99 15.22
C ARG E 53 -47.74 -8.07 16.19
N ASP E 54 -48.44 -7.05 16.70
CA ASP E 54 -47.91 -6.09 17.69
C ASP E 54 -47.55 -6.75 19.03
N GLY E 55 -48.37 -7.70 19.48
CA GLY E 55 -48.29 -8.27 20.83
C GLY E 55 -47.40 -9.51 21.01
N GLU E 56 -46.58 -9.95 20.04
CA GLU E 56 -45.98 -11.30 20.09
C GLU E 56 -44.51 -11.49 19.65
N ILE E 57 -43.93 -12.62 20.10
CA ILE E 57 -42.56 -13.10 19.87
C ILE E 57 -42.57 -14.26 18.86
N PHE E 58 -41.79 -14.12 17.78
CA PHE E 58 -41.76 -15.08 16.69
C PHE E 58 -40.39 -15.73 16.44
N GLY E 59 -40.33 -17.06 16.52
CA GLY E 59 -39.12 -17.85 16.33
C GLY E 59 -39.03 -18.59 14.99
N LEU E 60 -37.83 -18.79 14.46
CA LEU E 60 -37.64 -19.25 13.09
C LEU E 60 -36.59 -20.35 13.02
N MET E 61 -36.93 -21.47 12.38
CA MET E 61 -36.32 -22.76 12.65
C MET E 61 -36.28 -23.63 11.39
N GLY E 62 -35.18 -24.34 11.16
CA GLY E 62 -35.00 -25.23 10.00
C GLY E 62 -33.72 -26.08 10.09
N TYR E 63 -33.07 -26.38 8.97
CA TYR E 63 -31.68 -26.88 8.92
C TYR E 63 -30.82 -25.92 8.10
N SER E 64 -29.49 -25.95 8.29
CA SER E 64 -28.54 -25.04 7.58
C SER E 64 -28.64 -25.25 6.06
N GLY E 65 -29.25 -26.34 5.59
CA GLY E 65 -29.47 -26.58 4.15
C GLY E 65 -30.36 -25.50 3.57
N ALA E 66 -31.41 -25.08 4.29
CA ALA E 66 -32.29 -23.96 3.87
C ALA E 66 -31.44 -22.70 3.79
N GLY E 67 -30.46 -22.57 4.70
CA GLY E 67 -29.57 -21.40 4.78
C GLY E 67 -29.69 -20.78 6.14
N LYS E 68 -28.60 -20.67 6.89
CA LYS E 68 -28.62 -19.99 8.21
C LYS E 68 -29.03 -18.54 7.95
N SER E 69 -28.54 -17.94 6.86
CA SER E 69 -28.88 -16.55 6.49
C SER E 69 -30.38 -16.52 6.22
N THR E 70 -30.92 -17.47 5.47
CA THR E 70 -32.35 -17.48 5.06
C THR E 70 -32.56 -16.20 4.24
N LEU E 71 -33.61 -15.41 4.50
CA LEU E 71 -33.86 -14.10 3.84
C LEU E 71 -33.64 -13.00 4.87
N LEU E 72 -32.91 -13.25 5.96
CA LEU E 72 -32.76 -12.30 7.10
C LEU E 72 -32.11 -10.98 6.66
N ARG E 73 -31.12 -10.99 5.78
CA ARG E 73 -30.42 -9.76 5.32
C ARG E 73 -31.39 -8.94 4.47
N LEU E 74 -32.18 -9.58 3.61
CA LEU E 74 -33.21 -8.97 2.78
C LEU E 74 -34.31 -8.33 3.62
N ILE E 75 -34.55 -8.75 4.87
CA ILE E 75 -35.55 -8.07 5.69
C ILE E 75 -35.20 -6.60 5.88
N ASN E 76 -33.92 -6.28 6.05
CA ASN E 76 -33.42 -4.91 6.08
C ASN E 76 -33.40 -4.23 4.70
N LEU E 77 -33.60 -5.02 3.64
CA LEU E 77 -33.33 -4.70 2.26
C LEU E 77 -31.84 -4.44 1.99
N LEU E 78 -30.99 -5.32 2.53
CA LEU E 78 -29.64 -5.56 1.98
C LEU E 78 -29.67 -6.34 0.66
N GLU E 79 -30.90 -6.72 0.25
CA GLU E 79 -31.19 -7.37 -1.06
C GLU E 79 -32.57 -6.83 -1.46
N ARG E 80 -33.11 -7.15 -2.63
CA ARG E 80 -34.47 -6.72 -3.09
C ARG E 80 -35.28 -7.92 -3.61
N PRO E 81 -36.57 -8.13 -3.20
CA PRO E 81 -37.38 -9.27 -3.63
C PRO E 81 -37.49 -9.41 -5.14
N ASP E 82 -37.05 -10.55 -5.67
CA ASP E 82 -37.25 -10.91 -7.07
C ASP E 82 -38.72 -11.23 -7.38
N SER E 83 -39.44 -11.69 -6.36
CA SER E 83 -40.88 -11.60 -6.22
C SER E 83 -41.16 -11.11 -4.82
N GLY E 84 -42.28 -10.43 -4.61
CA GLY E 84 -42.76 -10.09 -3.29
C GLY E 84 -42.39 -8.71 -2.77
N LYS E 85 -42.90 -8.40 -1.58
CA LYS E 85 -42.88 -7.11 -0.90
C LYS E 85 -42.87 -7.27 0.63
N VAL E 86 -42.68 -6.17 1.35
CA VAL E 86 -42.25 -6.13 2.76
C VAL E 86 -42.90 -4.96 3.51
N ASN E 87 -43.99 -5.20 4.26
CA ASN E 87 -44.55 -4.14 5.15
C ASN E 87 -43.83 -4.28 6.49
N VAL E 88 -43.32 -3.20 7.09
CA VAL E 88 -42.72 -3.24 8.45
C VAL E 88 -43.42 -2.15 9.26
N CYS E 89 -44.01 -2.47 10.40
CA CYS E 89 -44.81 -1.52 11.21
C CYS E 89 -46.02 -1.10 10.36
N GLY E 90 -46.43 -1.95 9.40
CA GLY E 90 -47.59 -1.67 8.52
C GLY E 90 -47.23 -0.83 7.30
N GLN E 91 -45.95 -0.50 7.08
CA GLN E 91 -45.50 0.38 5.97
C GLN E 91 -44.60 -0.41 5.02
N GLU E 92 -44.91 -0.44 3.71
CA GLU E 92 -44.09 -1.16 2.71
C GLU E 92 -42.69 -0.53 2.73
N LEU E 93 -41.63 -1.33 2.69
CA LEU E 93 -40.22 -0.86 2.69
C LEU E 93 -39.62 -0.95 1.29
N THR E 94 -40.09 -1.88 0.44
CA THR E 94 -39.56 -1.95 -0.93
C THR E 94 -39.97 -0.75 -1.78
N ALA E 95 -41.01 0.00 -1.39
CA ALA E 95 -41.49 1.20 -2.08
C ALA E 95 -40.84 2.52 -1.60
N LEU E 96 -40.27 2.57 -0.38
CA LEU E 96 -39.81 3.83 0.22
C LEU E 96 -38.62 4.43 -0.53
N ASP E 97 -37.67 3.59 -0.92
CA ASP E 97 -36.75 3.83 -2.04
C ASP E 97 -36.04 5.20 -2.08
N ALA E 98 -35.60 5.67 -0.92
CA ALA E 98 -35.09 7.02 -0.70
C ALA E 98 -34.26 7.05 0.59
N ALA E 99 -33.65 8.18 0.94
CA ALA E 99 -33.07 8.38 2.26
C ALA E 99 -34.07 8.11 3.41
N ALA E 100 -35.37 8.25 3.15
CA ALA E 100 -36.46 7.82 4.03
C ALA E 100 -36.41 6.33 4.39
N LEU E 101 -36.03 5.45 3.45
CA LEU E 101 -35.81 4.02 3.72
C LEU E 101 -34.60 3.81 4.64
N ARG E 102 -33.53 4.58 4.45
CA ARG E 102 -32.37 4.50 5.38
C ARG E 102 -32.80 4.99 6.76
N GLN E 103 -33.53 6.11 6.83
CA GLN E 103 -34.05 6.65 8.07
C GLN E 103 -34.96 5.65 8.80
N ALA E 104 -35.84 4.97 8.07
CA ALA E 104 -36.62 3.86 8.60
C ALA E 104 -35.71 2.75 9.15
N ARG E 105 -34.66 2.40 8.39
CA ARG E 105 -33.69 1.38 8.85
C ARG E 105 -33.10 1.78 10.21
N GLN E 106 -32.77 3.07 10.40
CA GLN E 106 -32.20 3.53 11.67
C GLN E 106 -33.12 3.23 12.87
N ASN E 107 -34.41 3.02 12.64
CA ASN E 107 -35.45 2.94 13.69
C ASN E 107 -35.75 1.50 14.15
N ILE E 108 -35.18 0.51 13.48
CA ILE E 108 -35.46 -0.92 13.64
C ILE E 108 -34.23 -1.64 14.18
N GLY E 109 -34.44 -2.53 15.15
CA GLY E 109 -33.37 -3.20 15.89
C GLY E 109 -32.95 -4.51 15.25
N MET E 110 -31.64 -4.71 15.10
CA MET E 110 -31.08 -6.01 14.79
C MET E 110 -29.70 -6.26 15.44
N VAL E 111 -29.38 -7.53 15.63
CA VAL E 111 -28.06 -8.09 16.02
C VAL E 111 -27.64 -9.16 15.02
N PHE E 112 -26.35 -9.51 14.99
CA PHE E 112 -25.72 -10.17 13.85
C PHE E 112 -24.80 -11.32 14.26
N GLN E 113 -24.58 -12.28 13.35
CA GLN E 113 -23.74 -13.46 13.63
C GLN E 113 -22.28 -13.04 13.80
N GLN E 114 -21.86 -11.95 13.15
CA GLN E 114 -20.45 -11.49 13.19
C GLN E 114 -20.36 -10.26 14.08
N PHE E 115 -19.39 -10.21 15.00
CA PHE E 115 -19.28 -9.11 15.98
C PHE E 115 -19.10 -7.77 15.27
N ASN E 116 -18.26 -7.66 14.24
CA ASN E 116 -18.14 -6.44 13.42
C ASN E 116 -17.97 -5.21 14.31
N LEU E 117 -17.09 -5.25 15.32
CA LEU E 117 -16.85 -4.10 16.24
C LEU E 117 -15.63 -3.32 15.75
N LEU E 118 -15.64 -1.98 15.85
CA LEU E 118 -14.44 -1.16 15.52
C LEU E 118 -13.37 -1.63 16.50
N SER E 119 -12.11 -1.71 16.09
CA SER E 119 -11.02 -2.28 16.94
C SER E 119 -10.28 -1.18 17.71
N ASN E 120 -10.10 0.01 17.13
CA ASN E 120 -9.24 1.00 17.74
C ASN E 120 -10.00 2.11 18.48
N ARG E 121 -11.25 1.83 18.87
CA ARG E 121 -12.00 2.68 19.83
C ARG E 121 -12.50 1.67 20.88
N THR E 122 -12.62 2.09 22.14
CA THR E 122 -13.15 1.26 23.24
C THR E 122 -14.53 0.74 22.89
N VAL E 123 -14.90 -0.43 23.43
CA VAL E 123 -16.22 -0.97 23.21
C VAL E 123 -17.33 -0.08 23.80
N ALA E 124 -17.06 0.72 24.83
CA ALA E 124 -18.00 1.75 25.27
C ALA E 124 -18.31 2.77 24.16
N ASP E 125 -17.34 3.09 23.32
CA ASP E 125 -17.55 3.97 22.18
C ASP E 125 -18.11 3.24 20.97
N ASN E 126 -18.00 1.92 20.94
CA ASN E 126 -18.74 1.14 19.92
C ASN E 126 -20.21 1.18 20.36
N VAL E 127 -20.48 1.16 21.66
CA VAL E 127 -21.87 1.26 22.23
C VAL E 127 -22.42 2.66 21.92
N ALA E 128 -21.60 3.70 21.98
CA ALA E 128 -22.00 5.10 21.65
C ALA E 128 -22.19 5.26 20.14
N PHE E 129 -21.54 4.45 19.31
CA PHE E 129 -21.57 4.58 17.84
C PHE E 129 -22.99 4.54 17.26
N PRO E 130 -23.94 3.66 17.65
CA PRO E 130 -25.30 3.70 17.10
C PRO E 130 -26.07 4.99 17.38
N LEU E 131 -25.90 5.58 18.57
CA LEU E 131 -26.58 6.85 18.96
C LEU E 131 -25.95 8.02 18.21
N GLU E 132 -24.68 7.94 17.81
CA GLU E 132 -24.03 8.99 16.98
C GLU E 132 -24.77 9.01 15.64
N ILE E 133 -25.29 7.86 15.20
CA ILE E 133 -26.12 7.78 13.99
C ILE E 133 -27.45 8.51 14.21
N ALA E 134 -28.11 8.28 15.34
CA ALA E 134 -29.35 8.98 15.70
C ALA E 134 -29.18 10.50 15.83
N GLY E 135 -27.95 10.99 15.99
CA GLY E 135 -27.64 12.42 16.12
C GLY E 135 -28.21 13.06 17.40
N TRP E 136 -28.39 12.24 18.43
CA TRP E 136 -28.99 12.75 19.68
C TRP E 136 -28.06 13.74 20.39
N PRO E 137 -28.56 14.69 21.24
CA PRO E 137 -27.70 15.53 22.06
C PRO E 137 -26.80 14.64 22.93
N SER E 138 -25.50 14.96 22.94
CA SER E 138 -24.43 14.12 23.51
C SER E 138 -24.66 13.76 24.97
N GLU E 139 -25.36 14.59 25.73
CA GLU E 139 -25.72 14.30 27.10
C GLU E 139 -26.74 13.15 27.18
N LYS E 140 -27.82 13.23 26.38
CA LYS E 140 -28.75 12.11 26.28
C LYS E 140 -28.10 10.88 25.66
N ILE E 141 -27.09 11.05 24.79
CA ILE E 141 -26.26 9.91 24.36
C ILE E 141 -25.58 9.29 25.58
N LYS E 142 -24.84 10.06 26.39
CA LYS E 142 -24.14 9.55 27.58
C LYS E 142 -25.11 8.80 28.49
N ALA E 143 -26.26 9.40 28.75
CA ALA E 143 -27.29 8.82 29.59
C ALA E 143 -27.77 7.48 29.01
N ARG E 144 -28.34 7.50 27.80
CA ARG E 144 -28.83 6.24 27.16
C ARG E 144 -27.71 5.19 27.17
N VAL E 145 -26.49 5.55 26.75
CA VAL E 145 -25.35 4.65 26.76
C VAL E 145 -25.22 3.99 28.12
N LYS E 146 -25.01 4.76 29.18
CA LYS E 146 -24.80 4.18 30.51
C LYS E 146 -25.97 3.30 30.90
N GLU E 147 -27.19 3.74 30.61
CA GLU E 147 -28.42 2.97 30.87
C GLU E 147 -28.41 1.62 30.17
N CYS E 148 -28.32 1.60 28.85
CA CYS E 148 -28.41 0.33 28.13
C CYS E 148 -27.19 -0.57 28.46
N LEU E 149 -26.03 0.02 28.72
CA LEU E 149 -24.78 -0.65 29.07
C LEU E 149 -24.83 -1.31 30.45
N GLU E 150 -25.41 -0.62 31.42
CA GLU E 150 -25.56 -1.17 32.75
C GLU E 150 -26.76 -2.12 32.83
N ILE E 151 -27.76 -1.94 31.96
CA ILE E 151 -28.87 -2.93 31.91
C ILE E 151 -28.25 -4.30 31.59
N VAL E 152 -27.42 -4.36 30.54
CA VAL E 152 -26.71 -5.63 30.18
C VAL E 152 -25.70 -5.99 31.28
N GLY E 153 -25.15 -4.99 31.98
CA GLY E 153 -24.19 -5.25 33.07
C GLY E 153 -22.74 -5.22 32.60
N LEU E 154 -22.50 -4.75 31.37
CA LEU E 154 -21.12 -4.72 30.80
C LEU E 154 -20.47 -3.36 31.08
N THR E 155 -21.09 -2.56 31.97
CA THR E 155 -20.56 -1.21 32.28
C THR E 155 -19.13 -1.34 32.84
N GLU E 156 -18.87 -2.39 33.62
CA GLU E 156 -17.52 -2.60 34.21
C GLU E 156 -16.47 -2.79 33.09
N ARG E 157 -16.81 -3.54 32.04
CA ARG E 157 -15.81 -3.83 30.97
C ARG E 157 -16.12 -3.01 29.71
N ALA E 158 -16.78 -1.86 29.86
CA ALA E 158 -17.09 -0.99 28.70
C ALA E 158 -15.84 -0.24 28.24
N GLY E 159 -15.03 0.28 29.17
CA GLY E 159 -13.86 1.11 28.80
C GLY E 159 -12.80 0.29 28.09
N HIS E 160 -12.90 -1.04 28.13
CA HIS E 160 -11.85 -1.92 27.57
C HIS E 160 -11.91 -2.06 26.05
N TYR E 161 -10.77 -1.97 25.35
CA TYR E 161 -10.71 -2.27 23.92
C TYR E 161 -11.02 -3.76 23.70
N PRO E 162 -11.26 -4.22 22.45
CA PRO E 162 -11.58 -5.64 22.16
C PRO E 162 -10.48 -6.69 22.38
N ALA E 163 -9.30 -6.31 22.89
CA ALA E 163 -8.21 -7.27 23.24
C ALA E 163 -8.33 -7.61 24.73
N GLN E 164 -9.50 -7.38 25.34
CA GLN E 164 -9.76 -7.65 26.76
C GLN E 164 -11.02 -8.51 27.03
N LEU E 165 -11.48 -9.31 26.05
CA LEU E 165 -12.85 -9.89 25.98
C LEU E 165 -12.90 -11.37 25.62
N SER E 166 -14.03 -12.03 25.92
CA SER E 166 -14.50 -13.23 25.22
C SER E 166 -15.77 -12.93 24.43
N GLY E 167 -16.24 -13.92 23.69
CA GLY E 167 -17.46 -13.89 22.92
C GLY E 167 -18.64 -13.35 23.70
N GLY E 168 -18.87 -13.81 24.93
CA GLY E 168 -20.00 -13.36 25.77
C GLY E 168 -20.03 -11.86 26.04
N GLN E 169 -18.89 -11.26 26.32
CA GLN E 169 -18.78 -9.81 26.43
C GLN E 169 -19.17 -9.16 25.10
N LYS E 170 -18.54 -9.62 24.03
CA LYS E 170 -18.78 -9.12 22.67
C LYS E 170 -20.26 -9.26 22.26
N GLN E 171 -20.92 -10.34 22.67
CA GLN E 171 -22.35 -10.54 22.48
C GLN E 171 -23.12 -9.41 23.15
N ARG E 172 -22.87 -9.20 24.45
CA ARG E 172 -23.55 -8.11 25.20
C ARG E 172 -23.34 -6.78 24.47
N VAL E 173 -22.13 -6.52 23.97
CA VAL E 173 -21.87 -5.32 23.17
C VAL E 173 -22.85 -5.22 22.01
N GLY E 174 -22.98 -6.26 21.19
CA GLY E 174 -23.92 -6.24 20.07
C GLY E 174 -25.36 -5.99 20.54
N ILE E 175 -25.73 -6.61 21.64
CA ILE E 175 -27.08 -6.53 22.22
C ILE E 175 -27.35 -5.11 22.71
N ALA E 176 -26.41 -4.53 23.45
CA ALA E 176 -26.48 -3.15 23.89
C ALA E 176 -26.57 -2.20 22.69
N ARG E 177 -25.69 -2.41 21.70
CA ARG E 177 -25.72 -1.58 20.47
C ARG E 177 -27.14 -1.60 19.89
N ALA E 178 -27.75 -2.77 19.79
CA ALA E 178 -29.13 -2.85 19.31
C ALA E 178 -30.15 -2.10 20.19
N LEU E 179 -30.05 -2.20 21.52
CA LEU E 179 -31.05 -1.69 22.45
C LEU E 179 -31.18 -0.16 22.46
N ALA E 180 -30.05 0.54 22.35
CA ALA E 180 -29.97 1.96 22.70
C ALA E 180 -31.08 2.89 22.16
N PRO E 181 -31.61 2.75 20.92
CA PRO E 181 -32.67 3.63 20.39
C PRO E 181 -34.06 3.46 20.99
N LYS E 182 -34.30 2.42 21.80
CA LYS E 182 -35.66 1.85 22.03
C LYS E 182 -36.39 1.59 20.70
N PRO E 183 -35.75 0.86 19.76
CA PRO E 183 -36.26 0.70 18.40
C PRO E 183 -37.62 0.01 18.38
N GLN E 184 -38.37 0.23 17.30
CA GLN E 184 -39.80 -0.11 17.24
C GLN E 184 -40.05 -1.62 17.13
N VAL E 185 -39.16 -2.33 16.45
CA VAL E 185 -39.32 -3.74 16.03
C VAL E 185 -37.93 -4.37 16.04
N ILE E 186 -37.84 -5.68 16.26
CA ILE E 186 -36.57 -6.34 16.61
C ILE E 186 -36.35 -7.64 15.83
N LEU E 187 -35.11 -7.85 15.38
CA LEU E 187 -34.64 -9.03 14.66
C LEU E 187 -33.38 -9.63 15.31
N ALA E 188 -33.32 -10.96 15.49
CA ALA E 188 -32.15 -11.65 16.09
C ALA E 188 -31.58 -12.65 15.08
N ASP E 189 -30.31 -13.03 15.22
CA ASP E 189 -29.62 -13.93 14.25
C ASP E 189 -28.88 -15.06 14.97
N GLU E 190 -29.60 -16.06 15.50
CA GLU E 190 -28.96 -17.25 16.11
C GLU E 190 -27.94 -16.78 17.16
N PRO E 191 -28.24 -15.78 18.01
CA PRO E 191 -27.20 -15.24 18.90
C PRO E 191 -26.58 -16.11 20.00
N THR E 192 -27.36 -16.83 20.79
CA THR E 192 -26.84 -17.52 22.00
C THR E 192 -26.37 -18.94 21.71
N SER E 193 -25.99 -19.24 20.47
CA SER E 193 -25.37 -20.55 20.11
C SER E 193 -24.08 -20.68 20.91
N ALA E 194 -23.32 -19.60 21.07
CA ALA E 194 -22.03 -19.57 21.81
C ALA E 194 -22.19 -18.75 23.10
N LEU E 195 -23.24 -19.01 23.90
CA LEU E 195 -23.44 -18.31 25.17
C LEU E 195 -24.17 -19.12 26.26
N ASP E 196 -24.09 -18.65 27.51
CA ASP E 196 -24.52 -19.35 28.71
C ASP E 196 -25.88 -18.88 29.29
N PRO E 197 -26.54 -19.69 30.12
CA PRO E 197 -27.98 -19.53 30.29
C PRO E 197 -28.39 -18.32 31.11
N ALA E 198 -27.84 -18.10 32.31
CA ALA E 198 -28.38 -17.00 33.11
C ALA E 198 -28.19 -15.56 32.58
N THR E 199 -27.10 -15.25 31.88
CA THR E 199 -27.00 -14.01 31.12
C THR E 199 -28.11 -13.97 30.09
N THR E 200 -28.27 -15.02 29.30
CA THR E 200 -29.29 -15.10 28.26
C THR E 200 -30.68 -14.91 28.83
N ARG E 201 -30.97 -15.59 29.93
CA ARG E 201 -32.27 -15.52 30.59
C ARG E 201 -32.57 -14.09 30.99
N SER E 202 -31.60 -13.44 31.63
CA SER E 202 -31.78 -12.06 32.07
C SER E 202 -31.97 -11.11 30.89
N VAL E 203 -31.24 -11.32 29.79
CA VAL E 203 -31.35 -10.51 28.58
C VAL E 203 -32.76 -10.63 27.98
N LEU E 204 -33.27 -11.83 27.87
CA LEU E 204 -34.59 -12.08 27.34
C LEU E 204 -35.68 -11.48 28.22
N GLU E 205 -35.45 -11.46 29.55
CA GLU E 205 -36.35 -10.81 30.53
C GLU E 205 -36.35 -9.30 30.24
N CYS E 206 -35.20 -8.71 29.86
CA CYS E 206 -35.19 -7.30 29.42
C CYS E 206 -36.05 -7.10 28.17
N LEU E 207 -35.98 -8.01 27.19
CA LEU E 207 -36.79 -7.88 25.98
C LEU E 207 -38.29 -7.94 26.28
N GLU E 208 -38.67 -8.77 27.23
CA GLU E 208 -40.05 -8.78 27.72
C GLU E 208 -40.45 -7.45 28.36
N ASP E 209 -39.53 -6.76 29.03
CA ASP E 209 -39.81 -5.41 29.52
C ASP E 209 -40.05 -4.44 28.34
N ILE E 210 -39.34 -4.63 27.22
CA ILE E 210 -39.56 -3.82 26.02
C ILE E 210 -41.01 -3.93 25.53
N ASN E 211 -41.67 -5.07 25.79
CA ASN E 211 -43.11 -5.26 25.47
C ASN E 211 -43.93 -4.22 26.24
N LYS E 212 -43.48 -3.83 27.44
CA LYS E 212 -44.13 -2.78 28.27
C LYS E 212 -44.06 -1.48 27.46
N ARG E 213 -42.96 -1.27 26.73
CA ARG E 213 -42.79 -0.10 25.81
C ARG E 213 -43.76 -0.34 24.65
N PHE E 214 -43.88 0.59 23.71
CA PHE E 214 -44.91 0.53 22.62
C PHE E 214 -45.05 -0.82 21.91
N ASN E 215 -43.98 -1.59 21.63
CA ASN E 215 -44.09 -2.82 20.78
C ASN E 215 -43.55 -4.09 21.46
N VAL E 216 -44.22 -5.23 21.24
CA VAL E 216 -43.79 -6.57 21.76
C VAL E 216 -43.14 -7.38 20.62
N THR E 217 -43.10 -6.84 19.40
CA THR E 217 -42.57 -7.57 18.21
C THR E 217 -41.10 -7.94 18.40
N ILE E 218 -40.76 -9.24 18.54
CA ILE E 218 -39.35 -9.72 18.70
C ILE E 218 -39.12 -10.90 17.74
N VAL E 219 -38.93 -10.64 16.45
CA VAL E 219 -38.66 -11.70 15.42
C VAL E 219 -37.26 -12.27 15.72
N ILE E 220 -37.01 -13.56 15.44
CA ILE E 220 -35.71 -14.21 15.77
C ILE E 220 -35.50 -15.54 15.05
N VAL E 221 -34.26 -15.89 14.65
CA VAL E 221 -33.86 -17.21 14.18
C VAL E 221 -33.09 -17.95 15.26
N THR E 222 -33.56 -19.16 15.55
CA THR E 222 -32.70 -20.23 16.05
C THR E 222 -33.24 -21.51 15.46
N HIS E 223 -32.37 -22.33 14.87
CA HIS E 223 -32.85 -23.65 14.36
C HIS E 223 -33.01 -24.65 15.52
N GLU E 224 -32.75 -24.20 16.75
CA GLU E 224 -32.81 -25.11 17.92
C GLU E 224 -34.19 -25.02 18.58
N MET E 225 -34.49 -25.97 19.47
CA MET E 225 -35.73 -25.98 20.24
C MET E 225 -35.59 -25.36 21.63
N SER E 226 -34.47 -25.60 22.31
CA SER E 226 -34.31 -25.32 23.75
C SER E 226 -34.77 -23.91 24.11
N VAL E 227 -34.22 -22.90 23.44
CA VAL E 227 -34.59 -21.50 23.61
C VAL E 227 -36.07 -21.29 23.35
N ILE E 228 -36.51 -21.79 22.23
CA ILE E 228 -37.83 -21.53 21.69
C ILE E 228 -38.89 -22.05 22.63
N ARG E 229 -38.76 -23.32 23.03
CA ARG E 229 -39.62 -23.99 24.01
C ARG E 229 -39.65 -23.19 25.31
N ARG E 230 -38.52 -22.64 25.73
CA ARG E 230 -38.46 -21.86 26.96
C ARG E 230 -39.30 -20.59 26.90
N LEU E 231 -39.33 -19.83 25.78
CA LEU E 231 -39.97 -18.48 25.82
C LEU E 231 -40.58 -17.90 24.52
N CYS E 232 -40.65 -18.60 23.39
CA CYS E 232 -41.35 -18.01 22.23
C CYS E 232 -42.87 -18.06 22.36
N ASP E 233 -43.57 -17.18 21.66
CA ASP E 233 -45.04 -17.25 21.54
C ASP E 233 -45.43 -18.10 20.34
N ARG E 234 -44.83 -17.76 19.18
CA ARG E 234 -45.14 -18.40 17.89
C ARG E 234 -43.82 -18.86 17.29
N ALA E 235 -43.83 -19.66 16.23
CA ALA E 235 -42.64 -20.07 15.50
C ALA E 235 -42.97 -20.65 14.12
N ALA E 236 -41.96 -20.70 13.25
CA ALA E 236 -42.06 -21.28 11.91
C ALA E 236 -40.92 -22.25 11.64
N LEU E 237 -41.28 -23.33 10.99
CA LEU E 237 -40.47 -24.51 10.74
C LEU E 237 -40.27 -24.62 9.22
N LEU E 238 -39.04 -24.80 8.74
CA LEU E 238 -38.75 -24.67 7.32
C LEU E 238 -37.55 -25.47 6.81
N ASP E 239 -37.54 -25.74 5.51
CA ASP E 239 -36.39 -26.30 4.80
C ASP E 239 -36.35 -25.79 3.36
N LYS E 240 -35.16 -25.60 2.78
CA LYS E 240 -34.98 -25.20 1.36
C LYS E 240 -35.85 -24.03 0.88
N GLY E 241 -36.20 -23.09 1.76
CA GLY E 241 -37.08 -21.95 1.44
C GLY E 241 -38.59 -22.25 1.45
N LYS E 242 -38.97 -23.48 1.80
CA LYS E 242 -40.35 -23.88 2.09
C LYS E 242 -40.58 -23.87 3.59
N VAL E 243 -41.57 -23.10 4.03
CA VAL E 243 -42.14 -23.22 5.38
C VAL E 243 -43.09 -24.42 5.42
N VAL E 244 -42.85 -25.37 6.32
CA VAL E 244 -43.65 -26.60 6.44
C VAL E 244 -44.70 -26.54 7.54
N GLU E 245 -44.50 -25.75 8.59
CA GLU E 245 -45.54 -25.47 9.59
C GLU E 245 -45.22 -24.18 10.36
N ILE E 246 -46.23 -23.48 10.85
CA ILE E 246 -46.07 -22.53 11.96
C ILE E 246 -46.77 -23.04 13.20
N VAL E 247 -46.11 -22.89 14.33
CA VAL E 247 -46.56 -23.42 15.62
C VAL E 247 -46.49 -22.37 16.70
N GLU E 248 -47.58 -22.23 17.42
CA GLU E 248 -47.58 -21.58 18.71
C GLU E 248 -46.86 -22.49 19.71
N VAL E 249 -46.23 -21.92 20.74
CA VAL E 249 -45.64 -22.69 21.84
C VAL E 249 -46.49 -22.46 23.10
N ARG E 250 -46.85 -23.53 23.80
CA ARG E 250 -47.74 -23.43 25.00
C ARG E 250 -47.22 -24.37 26.10
N GLY E 251 -47.17 -23.90 27.36
CA GLY E 251 -46.61 -24.71 28.45
C GLY E 251 -45.24 -25.29 28.15
N ASN E 252 -44.43 -24.57 27.37
CA ASN E 252 -43.14 -25.04 26.82
C ASN E 252 -43.24 -26.25 25.89
N GLN E 253 -44.38 -26.45 25.24
CA GLN E 253 -44.62 -27.50 24.25
C GLN E 253 -44.97 -26.88 22.90
N ILE E 254 -44.43 -27.45 21.82
CA ILE E 254 -44.69 -26.97 20.46
C ILE E 254 -46.05 -27.42 19.93
N HIS E 255 -46.49 -28.64 20.23
CA HIS E 255 -47.73 -29.22 19.68
C HIS E 255 -47.78 -29.26 18.14
N ALA E 256 -46.72 -29.75 17.51
CA ALA E 256 -46.59 -29.79 16.05
C ALA E 256 -47.63 -30.72 15.41
N GLN E 257 -48.25 -30.28 14.33
CA GLN E 257 -49.12 -31.12 13.49
C GLN E 257 -48.32 -31.77 12.34
N SER E 258 -47.29 -31.11 11.83
CA SER E 258 -46.60 -31.53 10.61
C SER E 258 -45.69 -32.73 10.83
N ASP E 259 -45.80 -33.71 9.93
CA ASP E 259 -45.03 -34.95 9.97
C ASP E 259 -43.53 -34.70 9.88
N ILE E 260 -43.11 -34.03 8.79
CA ILE E 260 -41.71 -33.65 8.63
C ILE E 260 -41.29 -32.64 9.71
N GLY E 261 -42.21 -31.78 10.16
CA GLY E 261 -41.99 -30.96 11.34
C GLY E 261 -41.60 -31.79 12.55
N ARG E 262 -42.24 -32.94 12.75
CA ARG E 262 -41.89 -33.88 13.81
C ARG E 262 -40.49 -34.45 13.64
N GLU E 263 -39.92 -34.54 12.44
CA GLU E 263 -38.49 -34.87 12.33
C GLU E 263 -37.60 -33.81 12.95
N LEU E 264 -38.04 -32.56 12.90
CA LEU E 264 -37.39 -31.47 13.60
C LEU E 264 -37.65 -31.63 15.10
N ILE E 265 -38.87 -31.95 15.50
CA ILE E 265 -39.19 -32.13 16.92
C ILE E 265 -38.48 -33.35 17.54
N ARG E 266 -37.96 -34.25 16.70
CA ARG E 266 -37.14 -35.37 17.26
C ARG E 266 -35.90 -34.78 17.94
N GLU E 267 -35.47 -33.57 17.56
CA GLU E 267 -34.31 -32.91 18.11
C GLU E 267 -34.48 -32.55 19.60
N ASP E 268 -35.66 -32.77 20.18
CA ASP E 268 -35.91 -32.95 21.61
C ASP E 268 -35.21 -34.20 22.18
#